data_3DKS
#
_entry.id   3DKS
#
_cell.length_a   85.433
_cell.length_b   87.938
_cell.length_c   112.566
_cell.angle_alpha   90.000
_cell.angle_beta   90.000
_cell.angle_gamma   90.000
#
_symmetry.space_group_name_H-M   'P 21 21 21'
#
loop_
_entity.id
_entity.type
_entity.pdbx_description
1 polymer 'Thiol:disulfide interchange protein dsbA'
2 polymer 'siga peptide'
3 water water
#
loop_
_entity_poly.entity_id
_entity_poly.type
_entity_poly.pdbx_seq_one_letter_code
_entity_poly.pdbx_strand_id
1 'polypeptide(L)'
;AQYEDGKQYTTLEKPVAGAPQVLEFFSFFCPHCYQFEEVLHISDNVKKKLPEGVKMTKYHVNFMGGDLGKDLTQAWAVAM
ALGVEDKVTVPLFEGVQKTQTIRSASDIRDVFINAGIKGEEYDAAWNSFVVKSLVAQQEKAAADVQLRGVPAMFVNGKYQ
LNPQGMDTSNMDVFVQQYADTVKYLSEEK
;
A,B,C,D
2 'polypeptide(L)' (ACE)PIPFL(HSE)QKD E,F
#
# COMPACT_ATOMS: atom_id res chain seq x y z
N ALA A 1 -0.10 -23.14 -18.40
CA ALA A 1 0.99 -22.34 -19.02
C ALA A 1 1.94 -21.79 -17.96
N GLN A 2 3.14 -21.42 -18.37
CA GLN A 2 4.10 -20.78 -17.47
C GLN A 2 3.75 -19.31 -17.34
N TYR A 3 3.56 -18.86 -16.10
CA TYR A 3 3.23 -17.47 -15.81
C TYR A 3 4.36 -16.78 -15.07
N GLU A 4 4.87 -15.70 -15.66
CA GLU A 4 6.00 -14.97 -15.09
C GLU A 4 5.62 -13.53 -14.77
N ASP A 5 5.99 -13.11 -13.57
CA ASP A 5 5.87 -11.73 -13.14
C ASP A 5 6.76 -10.83 -14.00
N GLY A 6 6.16 -9.82 -14.62
CA GLY A 6 6.87 -9.00 -15.59
C GLY A 6 6.52 -9.36 -17.02
N LYS A 7 6.10 -10.61 -17.23
CA LYS A 7 5.63 -11.04 -18.55
C LYS A 7 4.14 -10.77 -18.73
N GLN A 8 3.29 -11.74 -18.39
CA GLN A 8 1.84 -11.63 -18.59
C GLN A 8 1.16 -10.65 -17.63
N TYR A 9 1.84 -10.31 -16.54
CA TYR A 9 1.33 -9.39 -15.53
C TYR A 9 2.47 -8.66 -14.84
N THR A 10 2.12 -7.62 -14.08
CA THR A 10 3.06 -6.92 -13.21
C THR A 10 2.47 -6.89 -11.80
N THR A 11 3.32 -6.71 -10.80
CA THR A 11 2.89 -6.71 -9.40
C THR A 11 2.97 -5.31 -8.83
N LEU A 12 1.83 -4.78 -8.38
CA LEU A 12 1.80 -3.44 -7.80
C LEU A 12 2.73 -3.34 -6.59
N GLU A 13 3.52 -2.27 -6.57
CA GLU A 13 4.39 -1.96 -5.43
C GLU A 13 3.54 -1.42 -4.30
N LYS A 14 2.40 -0.81 -4.66
CA LYS A 14 1.44 -0.31 -3.69
C LYS A 14 0.08 -0.99 -3.86
N PRO A 15 -0.07 -2.21 -3.30
CA PRO A 15 -1.36 -2.90 -3.43
C PRO A 15 -2.51 -2.14 -2.78
N VAL A 16 -3.73 -2.44 -3.21
CA VAL A 16 -4.94 -1.77 -2.72
C VAL A 16 -5.79 -2.78 -1.95
N ALA A 17 -6.20 -2.40 -0.74
CA ALA A 17 -7.15 -3.20 0.05
C ALA A 17 -8.59 -2.80 -0.29
N GLY A 18 -9.48 -3.78 -0.37
CA GLY A 18 -10.90 -3.53 -0.64
C GLY A 18 -11.26 -3.29 -2.10
N ALA A 19 -10.29 -3.53 -3.00
CA ALA A 19 -10.50 -3.39 -4.44
C ALA A 19 -11.36 -4.55 -4.98
N PRO A 20 -12.11 -4.30 -6.07
CA PRO A 20 -12.83 -5.40 -6.71
C PRO A 20 -11.90 -6.55 -7.06
N GLN A 21 -12.42 -7.78 -7.00
CA GLN A 21 -11.64 -8.98 -7.36
C GLN A 21 -10.96 -8.87 -8.72
N VAL A 22 -11.71 -8.45 -9.73
CA VAL A 22 -11.19 -8.25 -11.09
C VAL A 22 -11.72 -6.91 -11.55
N LEU A 23 -10.83 -5.95 -11.71
CA LEU A 23 -11.21 -4.56 -11.99
C LEU A 23 -10.65 -4.10 -13.33
N GLU A 24 -11.56 -3.78 -14.25
CA GLU A 24 -11.23 -3.32 -15.60
C GLU A 24 -11.56 -1.82 -15.74
N PHE A 25 -10.69 -1.06 -16.38
CA PHE A 25 -10.94 0.35 -16.68
C PHE A 25 -10.98 0.57 -18.18
N PHE A 26 -11.88 1.45 -18.63
CA PHE A 26 -12.02 1.75 -20.04
C PHE A 26 -12.47 3.18 -20.27
N SER A 27 -12.41 3.61 -21.53
CA SER A 27 -13.05 4.84 -21.98
C SER A 27 -13.78 4.54 -23.28
N PHE A 28 -14.96 5.14 -23.43
CA PHE A 28 -15.72 5.01 -24.68
C PHE A 28 -15.04 5.74 -25.85
N PHE A 29 -14.08 6.61 -25.53
CA PHE A 29 -13.27 7.34 -26.53
C PHE A 29 -12.07 6.55 -27.06
N CYS A 30 -11.65 5.54 -26.30
CA CYS A 30 -10.40 4.83 -26.57
C CYS A 30 -10.57 3.76 -27.67
N PRO A 31 -9.77 3.87 -28.74
CA PRO A 31 -9.87 2.92 -29.85
C PRO A 31 -9.44 1.50 -29.45
N HIS A 32 -8.49 1.38 -28.54
CA HIS A 32 -8.04 0.06 -28.11
C HIS A 32 -9.04 -0.57 -27.13
N CYS A 33 -9.70 0.26 -26.32
CA CYS A 33 -10.88 -0.18 -25.55
C CYS A 33 -11.98 -0.69 -26.48
N TYR A 34 -12.21 0.02 -27.58
CA TYR A 34 -13.16 -0.41 -28.60
C TYR A 34 -12.79 -1.79 -29.14
N GLN A 35 -11.49 -1.95 -29.44
CA GLN A 35 -10.94 -3.21 -29.93
C GLN A 35 -11.12 -4.34 -28.92
N PHE A 36 -10.75 -4.08 -27.66
CA PHE A 36 -10.98 -5.02 -26.55
C PHE A 36 -12.41 -5.49 -26.45
N GLU A 37 -13.35 -4.55 -26.52
CA GLU A 37 -14.75 -4.88 -26.28
C GLU A 37 -15.52 -5.33 -27.53
N GLU A 38 -15.47 -4.54 -28.58
CA GLU A 38 -16.32 -4.79 -29.73
C GLU A 38 -15.74 -5.82 -30.69
N VAL A 39 -14.43 -6.01 -30.66
CA VAL A 39 -13.73 -6.89 -31.60
C VAL A 39 -13.22 -8.18 -30.94
N LEU A 40 -12.43 -8.03 -29.87
CA LEU A 40 -11.82 -9.18 -29.19
C LEU A 40 -12.70 -9.81 -28.10
N HIS A 41 -13.63 -9.02 -27.56
CA HIS A 41 -14.54 -9.48 -26.51
C HIS A 41 -13.77 -9.95 -25.27
N ILE A 42 -12.80 -9.14 -24.85
CA ILE A 42 -11.90 -9.48 -23.76
C ILE A 42 -12.65 -9.81 -22.46
N SER A 43 -13.56 -8.92 -22.06
CA SER A 43 -14.35 -9.12 -20.84
C SER A 43 -15.14 -10.43 -20.83
N ASP A 44 -15.89 -10.68 -21.89
CA ASP A 44 -16.67 -11.93 -22.05
C ASP A 44 -15.78 -13.16 -21.99
N ASN A 45 -14.64 -13.11 -22.67
CA ASN A 45 -13.70 -14.22 -22.65
C ASN A 45 -13.02 -14.44 -21.31
N VAL A 46 -12.78 -13.36 -20.57
CA VAL A 46 -12.25 -13.46 -19.21
C VAL A 46 -13.30 -14.09 -18.27
N LYS A 47 -14.54 -13.64 -18.37
CA LYS A 47 -15.65 -14.14 -17.55
C LYS A 47 -15.84 -15.66 -17.69
N LYS A 48 -15.73 -16.13 -18.93
CA LYS A 48 -15.88 -17.56 -19.26
C LYS A 48 -14.94 -18.46 -18.49
N LYS A 49 -13.73 -17.95 -18.22
CA LYS A 49 -12.69 -18.75 -17.58
C LYS A 49 -12.63 -18.58 -16.07
N LEU A 50 -13.45 -17.69 -15.53
CA LEU A 50 -13.48 -17.48 -14.08
C LEU A 50 -14.60 -18.31 -13.44
N PRO A 51 -14.37 -18.82 -12.22
CA PRO A 51 -15.53 -19.33 -11.48
C PRO A 51 -16.54 -18.20 -11.29
N GLU A 52 -17.84 -18.51 -11.30
CA GLU A 52 -18.82 -17.41 -11.26
C GLU A 52 -18.85 -16.70 -9.92
N GLY A 53 -18.20 -17.28 -8.91
CA GLY A 53 -18.01 -16.62 -7.62
C GLY A 53 -17.01 -15.47 -7.66
N VAL A 54 -16.24 -15.39 -8.74
CA VAL A 54 -15.28 -14.29 -8.93
C VAL A 54 -15.96 -13.22 -9.80
N LYS A 55 -16.32 -12.10 -9.17
CA LYS A 55 -17.04 -11.01 -9.84
C LYS A 55 -16.10 -10.16 -10.68
N MET A 56 -16.58 -9.71 -11.83
CA MET A 56 -15.85 -8.76 -12.67
C MET A 56 -16.50 -7.39 -12.59
N THR A 57 -15.66 -6.37 -12.43
CA THR A 57 -16.13 -5.00 -12.29
C THR A 57 -15.50 -4.18 -13.40
N LYS A 58 -16.28 -3.27 -13.96
CA LYS A 58 -15.78 -2.43 -15.04
C LYS A 58 -16.16 -0.99 -14.79
N TYR A 59 -15.15 -0.11 -14.80
CA TYR A 59 -15.35 1.31 -14.51
C TYR A 59 -14.89 2.14 -15.70
N HIS A 60 -15.60 3.26 -15.94
CA HIS A 60 -15.22 4.21 -16.98
C HIS A 60 -14.23 5.21 -16.39
N VAL A 61 -13.36 5.76 -17.23
CA VAL A 61 -12.43 6.82 -16.78
C VAL A 61 -12.81 8.17 -17.37
N ASN A 62 -12.45 9.26 -16.68
CA ASN A 62 -12.82 10.58 -17.20
C ASN A 62 -11.67 11.40 -17.80
N PHE A 63 -10.47 10.83 -17.83
CA PHE A 63 -9.30 11.56 -18.33
C PHE A 63 -9.14 11.56 -19.85
N MET A 64 -10.27 11.41 -20.54
CA MET A 64 -10.34 11.36 -21.98
C MET A 64 -11.63 12.06 -22.42
N GLY A 65 -11.52 13.04 -23.32
CA GLY A 65 -12.69 13.77 -23.84
C GLY A 65 -13.27 14.89 -22.99
N GLY A 66 -12.47 15.39 -22.04
CA GLY A 66 -12.89 16.50 -21.16
C GLY A 66 -14.22 16.29 -20.48
N ASP A 67 -15.06 17.33 -20.45
CA ASP A 67 -16.38 17.24 -19.79
C ASP A 67 -17.31 16.17 -20.33
N LEU A 68 -17.20 15.88 -21.62
CA LEU A 68 -17.99 14.78 -22.19
C LEU A 68 -17.55 13.42 -21.63
N GLY A 69 -16.24 13.30 -21.34
CA GLY A 69 -15.69 12.08 -20.71
C GLY A 69 -16.26 11.90 -19.32
N LYS A 70 -16.40 13.02 -18.60
CA LYS A 70 -17.04 13.02 -17.28
C LYS A 70 -18.51 12.62 -17.37
N ASP A 71 -19.20 13.12 -18.40
CA ASP A 71 -20.60 12.75 -18.64
C ASP A 71 -20.77 11.26 -18.96
N LEU A 72 -19.83 10.71 -19.73
CA LEU A 72 -19.82 9.29 -20.03
C LEU A 72 -19.57 8.42 -18.78
N THR A 73 -18.71 8.91 -17.89
CA THR A 73 -18.47 8.25 -16.59
C THR A 73 -19.76 8.26 -15.76
N GLN A 74 -20.47 9.38 -15.78
CA GLN A 74 -21.78 9.45 -15.11
C GLN A 74 -22.82 8.53 -15.77
N ALA A 75 -22.84 8.48 -17.10
CA ALA A 75 -23.70 7.56 -17.82
C ALA A 75 -23.39 6.09 -17.51
N TRP A 76 -22.10 5.76 -17.37
CA TRP A 76 -21.70 4.39 -17.04
C TRP A 76 -22.21 4.06 -15.64
N ALA A 77 -22.22 5.07 -14.77
CA ALA A 77 -22.76 4.91 -13.42
C ALA A 77 -24.27 4.62 -13.47
N VAL A 78 -24.99 5.32 -14.33
CA VAL A 78 -26.41 5.02 -14.60
C VAL A 78 -26.57 3.56 -15.09
N ALA A 79 -25.77 3.17 -16.09
CA ALA A 79 -25.78 1.79 -16.59
C ALA A 79 -25.57 0.76 -15.48
N MET A 80 -24.61 1.02 -14.58
CA MET A 80 -24.30 0.10 -13.48
C MET A 80 -25.45 0.08 -12.48
N ALA A 81 -25.93 1.28 -12.12
CA ALA A 81 -27.04 1.44 -11.17
C ALA A 81 -28.31 0.74 -11.62
N LEU A 82 -28.59 0.79 -12.93
CA LEU A 82 -29.80 0.21 -13.49
C LEU A 82 -29.59 -1.21 -14.03
N GLY A 83 -28.34 -1.66 -14.07
CA GLY A 83 -28.00 -3.00 -14.56
C GLY A 83 -28.17 -3.20 -16.05
N VAL A 84 -27.89 -2.16 -16.82
CA VAL A 84 -28.08 -2.18 -18.28
C VAL A 84 -26.79 -2.04 -19.11
N GLU A 85 -25.66 -2.37 -18.50
CA GLU A 85 -24.35 -2.30 -19.18
C GLU A 85 -24.36 -3.07 -20.51
N ASP A 86 -24.97 -4.26 -20.50
CA ASP A 86 -24.98 -5.12 -21.69
C ASP A 86 -25.90 -4.59 -22.80
N LYS A 87 -26.73 -3.60 -22.48
CA LYS A 87 -27.61 -3.00 -23.46
C LYS A 87 -27.01 -1.76 -24.12
N VAL A 88 -26.13 -1.07 -23.39
CA VAL A 88 -25.69 0.27 -23.81
C VAL A 88 -24.24 0.32 -24.28
N THR A 89 -23.46 -0.71 -23.96
CA THR A 89 -22.02 -0.71 -24.28
C THR A 89 -21.75 -0.59 -25.78
N VAL A 90 -22.42 -1.43 -26.58
CA VAL A 90 -22.23 -1.42 -28.04
C VAL A 90 -22.70 -0.09 -28.67
N PRO A 91 -23.97 0.34 -28.45
CA PRO A 91 -24.35 1.62 -29.05
C PRO A 91 -23.54 2.84 -28.58
N LEU A 92 -23.00 2.80 -27.35
CA LEU A 92 -22.13 3.89 -26.88
C LEU A 92 -20.79 3.89 -27.61
N PHE A 93 -20.14 2.74 -27.72
CA PHE A 93 -18.88 2.67 -28.49
C PHE A 93 -19.11 3.08 -29.94
N GLU A 94 -20.16 2.54 -30.56
CA GLU A 94 -20.48 2.86 -31.97
C GLU A 94 -20.77 4.33 -32.14
N GLY A 95 -21.56 4.87 -31.22
CA GLY A 95 -21.98 6.27 -31.26
C GLY A 95 -20.85 7.28 -31.11
N VAL A 96 -19.90 6.98 -30.22
CA VAL A 96 -18.77 7.89 -29.98
C VAL A 96 -17.78 7.81 -31.14
N GLN A 97 -17.43 6.58 -31.54
CA GLN A 97 -16.25 6.36 -32.39
C GLN A 97 -16.50 6.03 -33.86
N LYS A 98 -17.65 5.44 -34.17
CA LYS A 98 -17.93 4.96 -35.53
C LYS A 98 -18.88 5.88 -36.28
N THR A 99 -20.10 6.02 -35.76
CA THR A 99 -21.11 6.85 -36.42
C THR A 99 -20.94 8.32 -36.06
N GLN A 100 -20.21 8.56 -34.96
CA GLN A 100 -19.96 9.90 -34.44
C GLN A 100 -21.27 10.70 -34.31
N THR A 101 -22.24 10.03 -33.71
CA THR A 101 -23.55 10.61 -33.42
C THR A 101 -23.66 10.98 -31.94
N ILE A 102 -22.68 10.60 -31.14
CA ILE A 102 -22.64 11.00 -29.72
C ILE A 102 -21.64 12.15 -29.53
N ARG A 103 -22.20 13.35 -29.36
CA ARG A 103 -21.40 14.56 -29.30
C ARG A 103 -21.58 15.30 -27.97
N SER A 104 -22.55 14.85 -27.17
CA SER A 104 -22.92 15.51 -25.91
C SER A 104 -23.76 14.57 -25.03
N ALA A 105 -24.03 14.99 -23.80
CA ALA A 105 -24.82 14.18 -22.87
C ALA A 105 -26.24 13.81 -23.36
N SER A 106 -26.90 14.72 -24.07
CA SER A 106 -28.24 14.42 -24.62
C SER A 106 -28.24 13.25 -25.61
N ASP A 107 -27.15 13.11 -26.38
CA ASP A 107 -27.02 11.96 -27.28
C ASP A 107 -26.82 10.65 -26.51
N ILE A 108 -26.12 10.71 -25.38
CA ILE A 108 -25.93 9.52 -24.54
C ILE A 108 -27.31 9.07 -24.04
N ARG A 109 -28.07 10.03 -23.51
CA ARG A 109 -29.43 9.83 -23.05
C ARG A 109 -30.31 9.12 -24.08
N ASP A 110 -30.23 9.55 -25.34
CA ASP A 110 -31.03 8.93 -26.40
C ASP A 110 -30.68 7.46 -26.60
N VAL A 111 -29.41 7.12 -26.43
CA VAL A 111 -28.96 5.72 -26.54
C VAL A 111 -29.64 4.84 -25.48
N PHE A 112 -29.71 5.35 -24.24
CA PHE A 112 -30.40 4.64 -23.16
C PHE A 112 -31.92 4.51 -23.42
N ILE A 113 -32.52 5.56 -23.96
CA ILE A 113 -33.94 5.52 -24.32
C ILE A 113 -34.20 4.44 -25.39
N ASN A 114 -33.34 4.38 -26.39
CA ASN A 114 -33.47 3.38 -27.45
C ASN A 114 -33.14 1.98 -26.96
N ALA A 115 -32.38 1.89 -25.88
CA ALA A 115 -32.07 0.59 -25.27
C ALA A 115 -33.19 0.08 -24.35
N GLY A 116 -34.19 0.92 -24.10
CA GLY A 116 -35.35 0.51 -23.27
C GLY A 116 -35.49 1.21 -21.92
N ILE A 117 -34.59 2.14 -21.64
CA ILE A 117 -34.61 2.90 -20.39
C ILE A 117 -35.33 4.22 -20.64
N LYS A 118 -36.56 4.32 -20.14
CA LYS A 118 -37.39 5.51 -20.35
C LYS A 118 -36.67 6.78 -19.92
N GLY A 119 -36.96 7.88 -20.60
CA GLY A 119 -36.37 9.18 -20.32
C GLY A 119 -36.44 9.61 -18.86
N GLU A 120 -37.62 9.45 -18.25
CA GLU A 120 -37.81 9.84 -16.84
C GLU A 120 -37.02 8.94 -15.89
N GLU A 121 -36.89 7.67 -16.25
CA GLU A 121 -36.12 6.70 -15.49
C GLU A 121 -34.60 6.98 -15.58
N TYR A 122 -34.13 7.30 -16.78
CA TYR A 122 -32.76 7.75 -16.97
C TYR A 122 -32.46 9.01 -16.16
N ASP A 123 -33.36 10.00 -16.21
CA ASP A 123 -33.10 11.27 -15.54
C ASP A 123 -33.07 11.10 -14.02
N ALA A 124 -34.00 10.30 -13.50
CA ALA A 124 -34.04 9.95 -12.09
C ALA A 124 -32.68 9.38 -11.67
N ALA A 125 -32.23 8.33 -12.37
CA ALA A 125 -30.93 7.71 -12.11
C ALA A 125 -29.78 8.71 -12.23
N TRP A 126 -29.73 9.46 -13.32
CA TRP A 126 -28.69 10.49 -13.53
C TRP A 126 -28.49 11.41 -12.32
N ASN A 127 -29.61 11.84 -11.72
CA ASN A 127 -29.58 12.75 -10.57
C ASN A 127 -29.61 12.10 -9.18
N SER A 128 -29.57 10.77 -9.14
CA SER A 128 -29.62 10.03 -7.87
C SER A 128 -28.31 10.05 -7.07
N PHE A 129 -28.44 9.94 -5.75
CA PHE A 129 -27.28 9.75 -4.86
C PHE A 129 -26.50 8.46 -5.18
N VAL A 130 -27.22 7.40 -5.53
CA VAL A 130 -26.55 6.14 -5.88
C VAL A 130 -25.57 6.36 -7.06
N VAL A 131 -26.00 7.13 -8.06
CA VAL A 131 -25.16 7.40 -9.23
C VAL A 131 -24.00 8.35 -8.90
N LYS A 132 -24.23 9.37 -8.07
CA LYS A 132 -23.16 10.25 -7.57
C LYS A 132 -22.11 9.43 -6.83
N SER A 133 -22.56 8.46 -6.04
CA SER A 133 -21.63 7.58 -5.31
C SER A 133 -20.79 6.72 -6.28
N LEU A 134 -21.46 6.15 -7.28
CA LEU A 134 -20.81 5.35 -8.30
C LEU A 134 -19.78 6.14 -9.12
N VAL A 135 -20.09 7.40 -9.45
CA VAL A 135 -19.09 8.31 -10.08
C VAL A 135 -17.84 8.45 -9.18
N ALA A 136 -18.06 8.81 -7.92
CA ALA A 136 -16.95 8.94 -6.97
C ALA A 136 -16.18 7.63 -6.78
N GLN A 137 -16.90 6.50 -6.77
CA GLN A 137 -16.29 5.16 -6.68
C GLN A 137 -15.35 4.88 -7.86
N GLN A 138 -15.81 5.19 -9.07
CA GLN A 138 -14.99 5.01 -10.29
C GLN A 138 -13.74 5.88 -10.27
N GLU A 139 -13.90 7.14 -9.87
CA GLU A 139 -12.77 8.07 -9.74
C GLU A 139 -11.75 7.63 -8.69
N LYS A 140 -12.25 7.21 -7.54
CA LYS A 140 -11.41 6.77 -6.43
C LYS A 140 -10.59 5.55 -6.81
N ALA A 141 -11.24 4.57 -7.44
CA ALA A 141 -10.57 3.35 -7.88
C ALA A 141 -9.40 3.63 -8.84
N ALA A 142 -9.65 4.49 -9.83
CA ALA A 142 -8.60 4.94 -10.75
C ALA A 142 -7.44 5.60 -10.01
N ALA A 143 -7.75 6.51 -9.08
CA ALA A 143 -6.72 7.20 -8.31
C ALA A 143 -5.93 6.22 -7.41
N ASP A 144 -6.60 5.22 -6.86
CA ASP A 144 -5.95 4.24 -5.96
C ASP A 144 -4.92 3.35 -6.65
N VAL A 145 -5.02 3.19 -7.96
CA VAL A 145 -4.04 2.44 -8.73
C VAL A 145 -3.17 3.34 -9.62
N GLN A 146 -3.23 4.65 -9.36
CA GLN A 146 -2.46 5.67 -10.08
C GLN A 146 -2.60 5.53 -11.60
N LEU A 147 -3.85 5.42 -12.05
CA LEU A 147 -4.15 5.10 -13.45
C LEU A 147 -3.85 6.25 -14.40
N ARG A 148 -3.13 5.96 -15.50
CA ARG A 148 -2.72 6.96 -16.50
C ARG A 148 -3.26 6.67 -17.91
N GLY A 149 -3.72 5.44 -18.13
CA GLY A 149 -4.27 5.07 -19.43
C GLY A 149 -5.17 3.84 -19.40
N VAL A 150 -5.83 3.60 -20.51
CA VAL A 150 -6.74 2.47 -20.69
C VAL A 150 -6.43 1.80 -22.02
N PRO A 151 -6.89 0.55 -22.23
CA PRO A 151 -7.56 -0.35 -21.26
C PRO A 151 -6.58 -0.82 -20.19
N ALA A 152 -7.09 -1.13 -19.00
CA ALA A 152 -6.25 -1.69 -17.94
C ALA A 152 -7.11 -2.64 -17.12
N MET A 153 -6.48 -3.68 -16.56
CA MET A 153 -7.15 -4.63 -15.69
C MET A 153 -6.29 -5.01 -14.50
N PHE A 154 -6.91 -4.98 -13.32
CA PHE A 154 -6.24 -5.29 -12.06
C PHE A 154 -6.94 -6.47 -11.40
N VAL A 155 -6.16 -7.33 -10.74
CA VAL A 155 -6.72 -8.47 -10.04
C VAL A 155 -6.39 -8.38 -8.55
N ASN A 156 -7.43 -8.49 -7.72
CA ASN A 156 -7.29 -8.49 -6.25
C ASN A 156 -6.56 -7.28 -5.66
N GLY A 157 -6.62 -6.16 -6.35
CA GLY A 157 -5.84 -4.96 -6.01
C GLY A 157 -4.33 -5.19 -5.90
N LYS A 158 -3.82 -6.27 -6.51
CA LYS A 158 -2.42 -6.68 -6.30
C LYS A 158 -1.61 -6.75 -7.59
N TYR A 159 -2.28 -7.12 -8.69
CA TYR A 159 -1.60 -7.37 -9.96
C TYR A 159 -2.23 -6.54 -11.07
N GLN A 160 -1.42 -6.17 -12.06
CA GLN A 160 -1.97 -5.53 -13.26
C GLN A 160 -1.62 -6.39 -14.47
N LEU A 161 -2.62 -6.62 -15.32
CA LEU A 161 -2.43 -7.39 -16.54
C LEU A 161 -1.45 -6.67 -17.46
N ASN A 162 -0.62 -7.44 -18.16
CA ASN A 162 0.42 -6.91 -19.04
C ASN A 162 0.28 -7.50 -20.44
N PRO A 163 -0.68 -6.98 -21.23
CA PRO A 163 -0.90 -7.50 -22.58
C PRO A 163 0.34 -7.42 -23.47
N GLN A 164 1.21 -6.44 -23.23
CA GLN A 164 2.44 -6.26 -24.02
C GLN A 164 3.37 -7.46 -23.86
N GLY A 165 3.25 -8.18 -22.75
CA GLY A 165 4.08 -9.35 -22.49
C GLY A 165 3.47 -10.66 -22.98
N MET A 166 2.40 -10.55 -23.75
CA MET A 166 1.69 -11.71 -24.27
C MET A 166 1.86 -11.85 -25.79
N ASP A 167 1.48 -13.01 -26.33
CA ASP A 167 1.62 -13.29 -27.76
C ASP A 167 0.54 -12.56 -28.55
N THR A 168 0.96 -11.56 -29.32
CA THR A 168 0.03 -10.67 -30.01
C THR A 168 0.01 -10.86 -31.53
N SER A 169 0.58 -11.97 -32.00
CA SER A 169 0.59 -12.30 -33.42
C SER A 169 -0.73 -12.91 -33.85
N ASN A 170 -1.28 -13.77 -33.00
CA ASN A 170 -2.57 -14.40 -33.24
C ASN A 170 -3.55 -13.85 -32.20
N MET A 171 -4.63 -13.26 -32.68
CA MET A 171 -5.60 -12.60 -31.80
C MET A 171 -6.45 -13.57 -30.99
N ASP A 172 -6.78 -14.73 -31.57
CA ASP A 172 -7.46 -15.81 -30.85
C ASP A 172 -6.60 -16.33 -29.71
N VAL A 173 -5.31 -16.47 -29.97
CA VAL A 173 -4.32 -16.88 -28.98
C VAL A 173 -4.14 -15.80 -27.90
N PHE A 174 -4.07 -14.53 -28.31
CA PHE A 174 -3.94 -13.42 -27.37
C PHE A 174 -5.10 -13.43 -26.36
N VAL A 175 -6.32 -13.55 -26.87
CA VAL A 175 -7.52 -13.53 -26.04
C VAL A 175 -7.52 -14.70 -25.03
N GLN A 176 -7.14 -15.89 -25.49
CA GLN A 176 -7.03 -17.05 -24.60
C GLN A 176 -5.96 -16.85 -23.54
N GLN A 177 -4.80 -16.32 -23.96
CA GLN A 177 -3.70 -16.05 -23.05
C GLN A 177 -4.06 -14.99 -22.00
N TYR A 178 -4.81 -13.97 -22.44
CA TYR A 178 -5.21 -12.87 -21.55
C TYR A 178 -6.14 -13.40 -20.46
N ALA A 179 -7.18 -14.10 -20.90
CA ALA A 179 -8.19 -14.69 -20.03
C ALA A 179 -7.61 -15.75 -19.09
N ASP A 180 -6.71 -16.59 -19.62
CA ASP A 180 -6.00 -17.59 -18.79
C ASP A 180 -5.13 -16.94 -17.72
N THR A 181 -4.54 -15.79 -18.05
CA THR A 181 -3.74 -15.03 -17.08
C THR A 181 -4.60 -14.49 -15.93
N VAL A 182 -5.78 -13.97 -16.26
CA VAL A 182 -6.69 -13.46 -15.22
C VAL A 182 -7.10 -14.60 -14.29
N LYS A 183 -7.44 -15.74 -14.87
CA LYS A 183 -7.77 -16.96 -14.15
C LYS A 183 -6.67 -17.33 -13.15
N TYR A 184 -5.43 -17.43 -13.64
CA TYR A 184 -4.28 -17.80 -12.81
C TYR A 184 -4.06 -16.84 -11.64
N LEU A 185 -4.18 -15.55 -11.89
CA LEU A 185 -4.01 -14.54 -10.84
C LEU A 185 -5.15 -14.53 -9.84
N SER A 186 -6.34 -14.90 -10.30
CA SER A 186 -7.53 -14.95 -9.45
C SER A 186 -7.58 -16.23 -8.60
N GLU A 187 -7.20 -17.37 -9.20
CA GLU A 187 -7.25 -18.67 -8.52
C GLU A 187 -6.31 -18.76 -7.30
N GLU A 188 -5.61 -17.66 -7.03
CA GLU A 188 -4.78 -17.47 -5.85
C GLU A 188 -5.60 -17.56 -4.57
N ALA B 1 -19.95 -14.00 13.38
CA ALA B 1 -20.43 -14.20 11.99
C ALA B 1 -20.52 -12.89 11.23
N GLN B 2 -20.70 -11.79 11.96
CA GLN B 2 -20.68 -10.45 11.38
C GLN B 2 -19.30 -9.80 11.59
N TYR B 3 -18.58 -9.60 10.50
CA TYR B 3 -17.22 -9.05 10.55
C TYR B 3 -17.14 -7.63 10.04
N GLU B 4 -16.57 -6.76 10.85
CA GLU B 4 -16.42 -5.35 10.50
C GLU B 4 -15.00 -4.85 10.76
N ASP B 5 -14.50 -4.05 9.84
CA ASP B 5 -13.26 -3.30 10.03
C ASP B 5 -13.39 -2.46 11.30
N GLY B 6 -12.36 -2.51 12.14
CA GLY B 6 -12.37 -1.81 13.43
C GLY B 6 -12.79 -2.70 14.60
N LYS B 7 -13.42 -3.83 14.29
CA LYS B 7 -13.87 -4.78 15.31
C LYS B 7 -12.92 -5.96 15.45
N GLN B 8 -13.14 -7.02 14.68
CA GLN B 8 -12.32 -8.23 14.77
C GLN B 8 -10.98 -8.08 14.06
N TYR B 9 -10.86 -7.04 13.24
CA TYR B 9 -9.65 -6.73 12.47
C TYR B 9 -9.57 -5.25 12.11
N THR B 10 -8.39 -4.81 11.67
CA THR B 10 -8.16 -3.47 11.16
C THR B 10 -7.46 -3.55 9.80
N THR B 11 -7.50 -2.45 9.05
CA THR B 11 -6.91 -2.40 7.71
C THR B 11 -5.66 -1.54 7.69
N LEU B 12 -4.57 -2.07 7.14
CA LEU B 12 -3.30 -1.33 7.06
C LEU B 12 -3.46 -0.12 6.15
N GLU B 13 -2.97 1.03 6.61
CA GLU B 13 -2.91 2.23 5.77
C GLU B 13 -2.15 1.94 4.46
N LYS B 14 -0.98 1.30 4.59
CA LYS B 14 -0.18 0.89 3.43
C LYS B 14 -0.09 -0.64 3.33
N PRO B 15 -0.98 -1.29 2.56
CA PRO B 15 -0.86 -2.74 2.34
C PRO B 15 0.53 -3.15 1.82
N VAL B 16 0.98 -4.33 2.24
CA VAL B 16 2.33 -4.80 1.92
C VAL B 16 2.31 -5.71 0.70
N ALA B 17 3.16 -5.40 -0.28
CA ALA B 17 3.32 -6.25 -1.47
C ALA B 17 4.14 -7.49 -1.11
N GLY B 18 3.71 -8.64 -1.63
CA GLY B 18 4.44 -9.91 -1.46
C GLY B 18 4.42 -10.54 -0.08
N ALA B 19 3.52 -10.05 0.78
CA ALA B 19 3.38 -10.55 2.15
C ALA B 19 2.86 -11.99 2.19
N PRO B 20 3.24 -12.77 3.24
CA PRO B 20 2.69 -14.11 3.39
C PRO B 20 1.17 -14.06 3.59
N GLN B 21 0.50 -15.16 3.27
CA GLN B 21 -0.96 -15.24 3.35
C GLN B 21 -1.46 -14.95 4.77
N VAL B 22 -0.84 -15.63 5.73
CA VAL B 22 -1.15 -15.47 7.14
C VAL B 22 0.17 -15.37 7.89
N LEU B 23 0.41 -14.21 8.49
CA LEU B 23 1.69 -13.94 9.12
C LEU B 23 1.57 -13.55 10.60
N GLU B 24 2.11 -14.42 11.45
CA GLU B 24 2.15 -14.22 12.89
C GLU B 24 3.54 -13.76 13.34
N PHE B 25 3.59 -12.74 14.20
CA PHE B 25 4.83 -12.30 14.83
C PHE B 25 4.81 -12.63 16.31
N PHE B 26 5.96 -13.02 16.86
CA PHE B 26 6.05 -13.35 18.28
C PHE B 26 7.44 -13.04 18.83
N SER B 27 7.57 -13.08 20.16
CA SER B 27 8.89 -13.09 20.79
C SER B 27 8.92 -14.17 21.87
N PHE B 28 10.05 -14.85 22.02
CA PHE B 28 10.21 -15.84 23.09
C PHE B 28 10.24 -15.19 24.49
N PHE B 29 10.40 -13.87 24.52
CA PHE B 29 10.38 -13.09 25.75
C PHE B 29 8.96 -12.70 26.17
N CYS B 30 8.03 -12.74 25.23
CA CYS B 30 6.70 -12.18 25.46
C CYS B 30 5.74 -13.12 26.19
N PRO B 31 5.21 -12.67 27.35
CA PRO B 31 4.35 -13.55 28.14
C PRO B 31 3.03 -13.84 27.46
N HIS B 32 2.52 -12.89 26.68
CA HIS B 32 1.25 -13.12 25.98
C HIS B 32 1.47 -14.04 24.78
N CYS B 33 2.66 -13.96 24.16
CA CYS B 33 3.05 -14.94 23.12
C CYS B 33 3.12 -16.37 23.69
N TYR B 34 3.68 -16.48 24.89
CA TYR B 34 3.76 -17.75 25.63
C TYR B 34 2.35 -18.28 25.85
N GLN B 35 1.44 -17.40 26.31
CA GLN B 35 0.02 -17.71 26.45
C GLN B 35 -0.63 -18.20 25.14
N PHE B 36 -0.37 -17.47 24.04
CA PHE B 36 -0.88 -17.80 22.72
C PHE B 36 -0.47 -19.19 22.27
N GLU B 37 0.79 -19.53 22.53
CA GLU B 37 1.36 -20.81 22.10
C GLU B 37 1.08 -21.97 23.05
N GLU B 38 1.38 -21.79 24.34
CA GLU B 38 1.37 -22.91 25.28
C GLU B 38 0.01 -23.18 25.92
N VAL B 39 -0.85 -22.15 25.97
CA VAL B 39 -2.14 -22.27 26.64
C VAL B 39 -3.30 -22.27 25.64
N LEU B 40 -3.37 -21.22 24.84
CA LEU B 40 -4.45 -21.02 23.88
C LEU B 40 -4.28 -21.83 22.60
N HIS B 41 -3.03 -22.13 22.24
CA HIS B 41 -2.71 -22.80 20.97
C HIS B 41 -3.35 -22.08 19.77
N ILE B 42 -3.11 -20.76 19.70
CA ILE B 42 -3.67 -19.91 18.64
C ILE B 42 -3.32 -20.41 17.24
N SER B 43 -2.04 -20.66 16.99
CA SER B 43 -1.58 -21.10 15.67
C SER B 43 -2.23 -22.41 15.20
N ASP B 44 -2.32 -23.40 16.10
CA ASP B 44 -2.95 -24.69 15.80
C ASP B 44 -4.43 -24.52 15.44
N ASN B 45 -5.13 -23.74 16.25
CA ASN B 45 -6.55 -23.48 16.05
C ASN B 45 -6.87 -22.67 14.80
N VAL B 46 -6.03 -21.69 14.50
CA VAL B 46 -6.12 -20.94 13.25
C VAL B 46 -5.89 -21.89 12.06
N LYS B 47 -4.84 -22.70 12.14
CA LYS B 47 -4.48 -23.66 11.08
C LYS B 47 -5.62 -24.64 10.75
N LYS B 48 -6.27 -25.16 11.79
CA LYS B 48 -7.39 -26.10 11.65
C LYS B 48 -8.57 -25.56 10.83
N LYS B 49 -8.73 -24.25 10.80
CA LYS B 49 -9.88 -23.63 10.14
C LYS B 49 -9.54 -22.89 8.85
N LEU B 50 -8.27 -22.91 8.45
CA LEU B 50 -7.82 -22.24 7.23
C LEU B 50 -8.31 -22.97 5.97
N PRO B 51 -8.60 -22.20 4.90
CA PRO B 51 -8.91 -22.81 3.59
C PRO B 51 -7.75 -23.65 3.04
N GLU B 52 -8.04 -24.52 2.09
CA GLU B 52 -7.01 -25.32 1.42
C GLU B 52 -6.04 -24.40 0.66
N GLY B 53 -4.76 -24.75 0.69
CA GLY B 53 -3.73 -23.99 -0.02
C GLY B 53 -3.31 -22.69 0.63
N VAL B 54 -3.73 -22.49 1.88
CA VAL B 54 -3.31 -21.33 2.67
C VAL B 54 -2.36 -21.80 3.77
N LYS B 55 -1.11 -21.34 3.72
CA LYS B 55 -0.12 -21.73 4.71
C LYS B 55 0.06 -20.64 5.76
N MET B 56 0.58 -21.03 6.91
CA MET B 56 0.84 -20.09 7.99
C MET B 56 2.33 -19.82 8.11
N THR B 57 2.67 -18.58 8.42
CA THR B 57 4.04 -18.15 8.54
C THR B 57 4.20 -17.48 9.90
N LYS B 58 5.29 -17.81 10.57
CA LYS B 58 5.55 -17.26 11.89
C LYS B 58 6.97 -16.76 12.00
N TYR B 59 7.10 -15.48 12.37
CA TYR B 59 8.39 -14.83 12.47
C TYR B 59 8.63 -14.31 13.88
N HIS B 60 9.88 -14.40 14.31
CA HIS B 60 10.31 -13.83 15.57
C HIS B 60 10.68 -12.34 15.39
N VAL B 61 10.57 -11.56 16.44
CA VAL B 61 10.94 -10.13 16.40
C VAL B 61 12.18 -9.79 17.24
N ASN B 62 12.85 -8.71 16.83
CA ASN B 62 14.10 -8.23 17.41
C ASN B 62 13.92 -7.37 18.64
N PHE B 63 12.81 -6.63 18.67
CA PHE B 63 12.71 -5.45 19.53
C PHE B 63 12.48 -5.70 21.04
N MET B 64 12.57 -6.95 21.46
CA MET B 64 12.58 -7.30 22.88
C MET B 64 13.84 -8.07 23.21
N GLY B 65 14.50 -7.68 24.31
CA GLY B 65 15.64 -8.43 24.84
C GLY B 65 16.98 -8.09 24.23
N GLY B 66 17.05 -6.95 23.53
CA GLY B 66 18.32 -6.43 23.00
C GLY B 66 19.03 -7.40 22.07
N ASP B 67 20.34 -7.57 22.26
CA ASP B 67 21.10 -8.45 21.39
C ASP B 67 20.69 -9.89 21.51
N LEU B 68 20.25 -10.32 22.70
CA LEU B 68 19.75 -11.68 22.86
C LEU B 68 18.47 -11.89 22.05
N GLY B 69 17.68 -10.82 21.90
CA GLY B 69 16.47 -10.87 21.07
C GLY B 69 16.86 -11.11 19.61
N LYS B 70 17.93 -10.45 19.17
CA LYS B 70 18.45 -10.65 17.82
C LYS B 70 18.95 -12.10 17.65
N ASP B 71 19.62 -12.63 18.67
CA ASP B 71 20.11 -14.02 18.63
C ASP B 71 18.95 -15.03 18.57
N LEU B 72 17.87 -14.74 19.28
CA LEU B 72 16.66 -15.56 19.22
C LEU B 72 15.98 -15.53 17.82
N THR B 73 15.99 -14.36 17.19
CA THR B 73 15.53 -14.22 15.80
C THR B 73 16.35 -15.08 14.83
N GLN B 74 17.67 -15.07 15.01
CA GLN B 74 18.56 -15.92 14.22
C GLN B 74 18.36 -17.41 14.53
N ALA B 75 18.12 -17.75 15.80
CA ALA B 75 17.81 -19.12 16.19
C ALA B 75 16.50 -19.60 15.56
N TRP B 76 15.51 -18.71 15.52
CA TRP B 76 14.24 -19.04 14.87
C TRP B 76 14.43 -19.25 13.36
N ALA B 77 15.33 -18.46 12.75
CA ALA B 77 15.69 -18.67 11.35
C ALA B 77 16.32 -20.05 11.15
N VAL B 78 17.21 -20.45 12.06
CA VAL B 78 17.73 -21.81 12.03
C VAL B 78 16.60 -22.84 12.11
N ALA B 79 15.69 -22.66 13.07
CA ALA B 79 14.53 -23.57 13.20
C ALA B 79 13.70 -23.68 11.92
N MET B 80 13.48 -22.55 11.26
CA MET B 80 12.74 -22.53 9.99
C MET B 80 13.49 -23.25 8.87
N ALA B 81 14.77 -22.90 8.69
CA ALA B 81 15.63 -23.53 7.67
C ALA B 81 15.73 -25.06 7.84
N LEU B 82 15.81 -25.53 9.08
CA LEU B 82 15.91 -26.96 9.36
C LEU B 82 14.55 -27.66 9.51
N GLY B 83 13.48 -26.86 9.56
CA GLY B 83 12.12 -27.38 9.78
C GLY B 83 11.90 -28.00 11.14
N VAL B 84 12.50 -27.42 12.19
CA VAL B 84 12.40 -28.01 13.54
C VAL B 84 11.64 -27.12 14.55
N GLU B 85 10.80 -26.22 14.03
CA GLU B 85 10.03 -25.29 14.86
C GLU B 85 9.24 -26.03 15.94
N ASP B 86 8.65 -27.17 15.57
CA ASP B 86 7.80 -27.94 16.50
C ASP B 86 8.60 -28.62 17.62
N LYS B 87 9.89 -28.83 17.39
CA LYS B 87 10.78 -29.42 18.38
C LYS B 87 11.33 -28.40 19.38
N VAL B 88 11.49 -27.15 18.97
CA VAL B 88 12.21 -26.18 19.81
C VAL B 88 11.36 -25.08 20.44
N THR B 89 10.14 -24.91 19.95
CA THR B 89 9.29 -23.80 20.39
C THR B 89 9.02 -23.86 21.90
N VAL B 90 8.57 -25.02 22.38
CA VAL B 90 8.28 -25.20 23.79
C VAL B 90 9.54 -25.05 24.67
N PRO B 91 10.62 -25.83 24.39
CA PRO B 91 11.81 -25.60 25.21
C PRO B 91 12.43 -24.18 25.18
N LEU B 92 12.21 -23.43 24.11
CA LEU B 92 12.71 -22.06 24.08
C LEU B 92 11.86 -21.13 24.96
N PHE B 93 10.54 -21.22 24.85
CA PHE B 93 9.64 -20.46 25.74
C PHE B 93 9.92 -20.78 27.22
N GLU B 94 10.03 -22.07 27.53
CA GLU B 94 10.30 -22.51 28.92
C GLU B 94 11.66 -22.02 29.39
N GLY B 95 12.68 -22.19 28.55
CA GLY B 95 14.03 -21.76 28.87
C GLY B 95 14.15 -20.27 29.13
N VAL B 96 13.47 -19.46 28.33
CA VAL B 96 13.56 -18.00 28.46
C VAL B 96 12.77 -17.48 29.66
N GLN B 97 11.53 -17.94 29.77
CA GLN B 97 10.56 -17.32 30.69
C GLN B 97 10.27 -18.10 31.98
N LYS B 98 10.43 -19.43 31.94
CA LYS B 98 10.00 -20.24 33.08
C LYS B 98 11.16 -20.73 33.94
N THR B 99 12.00 -21.59 33.38
CA THR B 99 13.18 -22.07 34.10
C THR B 99 14.27 -21.02 34.07
N GLN B 100 14.16 -20.09 33.11
CA GLN B 100 15.12 -18.99 32.98
C GLN B 100 16.56 -19.50 32.91
N THR B 101 16.74 -20.53 32.09
CA THR B 101 18.05 -21.12 31.87
C THR B 101 18.71 -20.62 30.59
N ILE B 102 17.96 -19.88 29.77
CA ILE B 102 18.50 -19.29 28.55
C ILE B 102 18.88 -17.85 28.80
N ARG B 103 20.18 -17.60 28.83
CA ARG B 103 20.67 -16.28 29.19
C ARG B 103 21.52 -15.70 28.08
N SER B 104 21.82 -16.53 27.08
CA SER B 104 22.71 -16.16 25.97
C SER B 104 22.55 -17.14 24.81
N ALA B 105 23.18 -16.79 23.69
CA ALA B 105 23.12 -17.61 22.49
C ALA B 105 23.59 -19.06 22.70
N SER B 106 24.60 -19.28 23.54
CA SER B 106 25.09 -20.64 23.77
C SER B 106 24.04 -21.52 24.47
N ASP B 107 23.18 -20.91 25.32
CA ASP B 107 22.09 -21.66 25.94
C ASP B 107 21.01 -22.03 24.92
N ILE B 108 20.76 -21.13 23.95
CA ILE B 108 19.82 -21.43 22.86
C ILE B 108 20.30 -22.65 22.06
N ARG B 109 21.59 -22.66 21.73
CA ARG B 109 22.24 -23.77 21.01
C ARG B 109 22.06 -25.09 21.77
N ASP B 110 22.21 -25.06 23.09
CA ASP B 110 22.06 -26.26 23.90
C ASP B 110 20.65 -26.84 23.83
N VAL B 111 19.64 -25.96 23.74
CA VAL B 111 18.25 -26.38 23.59
C VAL B 111 18.02 -27.13 22.26
N PHE B 112 18.59 -26.60 21.17
CA PHE B 112 18.56 -27.28 19.87
C PHE B 112 19.28 -28.63 19.89
N ILE B 113 20.45 -28.69 20.55
CA ILE B 113 21.18 -29.96 20.72
C ILE B 113 20.35 -31.00 21.46
N ASN B 114 19.67 -30.58 22.52
CA ASN B 114 18.83 -31.47 23.31
C ASN B 114 17.53 -31.87 22.61
N ALA B 115 17.12 -31.07 21.63
CA ALA B 115 15.96 -31.37 20.80
C ALA B 115 16.29 -32.28 19.61
N GLY B 116 17.55 -32.64 19.45
CA GLY B 116 17.97 -33.54 18.38
C GLY B 116 18.74 -32.93 17.22
N ILE B 117 19.04 -31.63 17.30
CA ILE B 117 19.81 -30.98 16.26
C ILE B 117 21.27 -30.91 16.74
N LYS B 118 22.12 -31.75 16.16
CA LYS B 118 23.51 -31.82 16.56
C LYS B 118 24.20 -30.46 16.45
N GLY B 119 25.13 -30.21 17.36
CA GLY B 119 25.88 -28.95 17.40
C GLY B 119 26.48 -28.53 16.08
N GLU B 120 27.04 -29.48 15.33
CA GLU B 120 27.66 -29.21 14.04
C GLU B 120 26.63 -28.74 12.99
N GLU B 121 25.46 -29.37 13.02
CA GLU B 121 24.34 -29.04 12.13
C GLU B 121 23.76 -27.67 12.48
N TYR B 122 23.65 -27.41 13.78
CA TYR B 122 23.19 -26.10 14.26
C TYR B 122 24.14 -24.98 13.84
N ASP B 123 25.44 -25.18 14.06
CA ASP B 123 26.44 -24.16 13.74
C ASP B 123 26.50 -23.86 12.23
N ALA B 124 26.44 -24.92 11.42
CA ALA B 124 26.38 -24.80 9.96
C ALA B 124 25.18 -23.94 9.55
N ALA B 125 23.98 -24.31 10.03
CA ALA B 125 22.78 -23.51 9.81
C ALA B 125 22.93 -22.06 10.30
N TRP B 126 23.39 -21.87 11.53
CA TRP B 126 23.60 -20.53 12.10
C TRP B 126 24.39 -19.60 11.16
N ASN B 127 25.42 -20.14 10.54
CA ASN B 127 26.32 -19.38 9.68
C ASN B 127 25.95 -19.37 8.19
N SER B 128 24.87 -20.06 7.84
CA SER B 128 24.45 -20.22 6.44
C SER B 128 23.85 -18.96 5.84
N PHE B 129 24.02 -18.80 4.52
CA PHE B 129 23.38 -17.69 3.79
C PHE B 129 21.85 -17.72 3.91
N VAL B 130 21.27 -18.93 3.86
CA VAL B 130 19.82 -19.10 3.96
C VAL B 130 19.28 -18.53 5.28
N VAL B 131 20.00 -18.77 6.37
CA VAL B 131 19.64 -18.21 7.67
C VAL B 131 19.79 -16.69 7.69
N LYS B 132 20.87 -16.18 7.09
CA LYS B 132 21.07 -14.73 6.98
C LYS B 132 19.91 -14.09 6.20
N SER B 133 19.46 -14.76 5.14
CA SER B 133 18.30 -14.32 4.36
C SER B 133 17.01 -14.33 5.21
N LEU B 134 16.79 -15.40 5.96
CA LEU B 134 15.61 -15.52 6.80
C LEU B 134 15.58 -14.49 7.92
N VAL B 135 16.75 -14.13 8.44
CA VAL B 135 16.83 -13.07 9.46
C VAL B 135 16.37 -11.73 8.88
N ALA B 136 16.95 -11.36 7.73
CA ALA B 136 16.54 -10.13 7.04
C ALA B 136 15.06 -10.14 6.64
N GLN B 137 14.58 -11.30 6.20
CA GLN B 137 13.15 -11.50 5.84
C GLN B 137 12.23 -11.17 7.03
N GLN B 138 12.58 -11.70 8.20
CA GLN B 138 11.82 -11.44 9.43
C GLN B 138 11.81 -9.97 9.79
N GLU B 139 12.98 -9.35 9.70
CA GLU B 139 13.14 -7.93 9.99
C GLU B 139 12.36 -7.03 9.01
N LYS B 140 12.49 -7.32 7.72
CA LYS B 140 11.76 -6.56 6.69
C LYS B 140 10.25 -6.61 6.91
N ALA B 141 9.73 -7.82 7.14
CA ALA B 141 8.29 -8.02 7.35
C ALA B 141 7.71 -7.19 8.51
N ALA B 142 8.44 -7.15 9.62
CA ALA B 142 8.07 -6.37 10.80
C ALA B 142 8.10 -4.85 10.52
N ALA B 143 9.14 -4.39 9.83
CA ALA B 143 9.24 -2.99 9.43
C ALA B 143 8.11 -2.60 8.44
N ASP B 144 7.76 -3.50 7.53
CA ASP B 144 6.74 -3.25 6.50
C ASP B 144 5.35 -3.03 7.10
N VAL B 145 5.08 -3.63 8.26
CA VAL B 145 3.80 -3.44 8.95
C VAL B 145 3.91 -2.51 10.15
N GLN B 146 5.03 -1.80 10.25
CA GLN B 146 5.29 -0.84 11.34
C GLN B 146 5.07 -1.45 12.74
N LEU B 147 5.64 -2.63 12.96
CA LEU B 147 5.35 -3.42 14.15
C LEU B 147 6.01 -2.84 15.39
N ARG B 148 5.22 -2.67 16.45
CA ARG B 148 5.70 -2.10 17.71
C ARG B 148 5.51 -3.04 18.91
N GLY B 149 4.75 -4.11 18.71
CA GLY B 149 4.40 -5.05 19.77
C GLY B 149 4.01 -6.41 19.24
N VAL B 150 3.99 -7.40 20.14
CA VAL B 150 3.55 -8.77 19.84
C VAL B 150 2.63 -9.28 20.97
N PRO B 151 1.89 -10.39 20.73
CA PRO B 151 1.73 -11.09 19.45
C PRO B 151 0.93 -10.26 18.44
N ALA B 152 1.08 -10.57 17.17
CA ALA B 152 0.33 -9.89 16.11
C ALA B 152 0.17 -10.84 14.94
N MET B 153 -0.89 -10.63 14.17
CA MET B 153 -1.15 -11.45 13.00
C MET B 153 -1.74 -10.60 11.89
N PHE B 154 -1.24 -10.83 10.68
CA PHE B 154 -1.62 -10.06 9.50
C PHE B 154 -2.01 -11.02 8.39
N VAL B 155 -3.07 -10.68 7.68
CA VAL B 155 -3.57 -11.52 6.59
C VAL B 155 -3.35 -10.78 5.27
N ASN B 156 -2.66 -11.45 4.35
CA ASN B 156 -2.39 -10.96 2.99
C ASN B 156 -1.77 -9.57 2.89
N GLY B 157 -1.00 -9.19 3.91
CA GLY B 157 -0.36 -7.88 3.96
C GLY B 157 -1.27 -6.66 4.05
N LYS B 158 -2.53 -6.86 4.43
CA LYS B 158 -3.47 -5.74 4.45
C LYS B 158 -4.44 -5.70 5.63
N TYR B 159 -4.65 -6.82 6.32
CA TYR B 159 -5.54 -6.84 7.47
C TYR B 159 -4.83 -7.34 8.72
N GLN B 160 -4.98 -6.60 9.82
CA GLN B 160 -4.41 -7.01 11.10
C GLN B 160 -5.50 -7.49 12.06
N LEU B 161 -5.32 -8.68 12.61
CA LEU B 161 -6.23 -9.19 13.63
C LEU B 161 -6.31 -8.23 14.82
N ASN B 162 -7.52 -8.07 15.36
CA ASN B 162 -7.76 -7.16 16.47
C ASN B 162 -8.47 -7.88 17.62
N PRO B 163 -7.70 -8.70 18.38
CA PRO B 163 -8.27 -9.52 19.46
C PRO B 163 -8.97 -8.71 20.56
N GLN B 164 -8.69 -7.41 20.63
CA GLN B 164 -9.35 -6.50 21.56
C GLN B 164 -10.83 -6.30 21.22
N GLY B 165 -11.16 -6.38 19.95
CA GLY B 165 -12.55 -6.26 19.49
C GLY B 165 -13.30 -7.58 19.44
N MET B 166 -12.80 -8.57 20.16
CA MET B 166 -13.39 -9.91 20.20
C MET B 166 -13.87 -10.23 21.61
N ASP B 167 -14.67 -11.29 21.74
CA ASP B 167 -15.18 -11.71 23.05
C ASP B 167 -14.11 -12.50 23.79
N THR B 168 -13.61 -11.92 24.88
CA THR B 168 -12.40 -12.39 25.54
C THR B 168 -12.60 -12.97 26.95
N SER B 169 -13.81 -12.86 27.49
CA SER B 169 -14.11 -13.34 28.84
C SER B 169 -13.94 -14.86 28.95
N ASN B 170 -14.48 -15.59 27.97
CA ASN B 170 -14.25 -17.03 27.85
C ASN B 170 -13.16 -17.28 26.80
N MET B 171 -12.15 -18.08 27.17
CA MET B 171 -10.98 -18.30 26.30
C MET B 171 -11.24 -19.25 25.12
N ASP B 172 -12.14 -20.20 25.30
CA ASP B 172 -12.50 -21.12 24.22
C ASP B 172 -13.24 -20.38 23.11
N VAL B 173 -14.07 -19.42 23.52
CA VAL B 173 -14.83 -18.58 22.59
C VAL B 173 -13.91 -17.59 21.88
N PHE B 174 -12.96 -17.02 22.63
CA PHE B 174 -11.94 -16.15 22.05
C PHE B 174 -11.17 -16.88 20.95
N VAL B 175 -10.60 -18.04 21.28
CA VAL B 175 -9.82 -18.83 20.33
C VAL B 175 -10.62 -19.17 19.06
N GLN B 176 -11.87 -19.58 19.24
CA GLN B 176 -12.77 -19.84 18.11
C GLN B 176 -13.03 -18.60 17.25
N GLN B 177 -13.31 -17.46 17.87
CA GLN B 177 -13.54 -16.21 17.13
C GLN B 177 -12.29 -15.71 16.40
N TYR B 178 -11.12 -15.89 17.02
CA TYR B 178 -9.83 -15.54 16.43
C TYR B 178 -9.61 -16.33 15.14
N ALA B 179 -9.74 -17.65 15.23
CA ALA B 179 -9.55 -18.55 14.10
C ALA B 179 -10.53 -18.27 12.95
N ASP B 180 -11.78 -17.96 13.30
CA ASP B 180 -12.82 -17.69 12.31
C ASP B 180 -12.60 -16.38 11.57
N THR B 181 -12.04 -15.39 12.27
CA THR B 181 -11.72 -14.09 11.67
C THR B 181 -10.59 -14.25 10.67
N VAL B 182 -9.61 -15.10 11.00
CA VAL B 182 -8.50 -15.38 10.08
C VAL B 182 -9.02 -16.09 8.82
N LYS B 183 -9.85 -17.11 9.03
CA LYS B 183 -10.52 -17.83 7.94
C LYS B 183 -11.28 -16.86 7.02
N TYR B 184 -12.05 -15.96 7.64
CA TYR B 184 -12.87 -15.00 6.90
C TYR B 184 -12.03 -14.07 6.03
N LEU B 185 -10.98 -13.50 6.62
CA LEU B 185 -10.06 -12.61 5.89
C LEU B 185 -9.29 -13.34 4.80
N SER B 186 -9.00 -14.63 5.01
CA SER B 186 -8.30 -15.45 4.01
C SER B 186 -9.16 -15.70 2.77
N GLU B 187 -10.44 -15.99 3.00
CA GLU B 187 -11.40 -16.21 1.93
C GLU B 187 -11.74 -14.89 1.26
N ALA C 1 33.93 -1.05 30.16
CA ALA C 1 33.66 0.37 29.77
C ALA C 1 33.55 1.26 31.00
N GLN C 2 34.47 2.22 31.11
CA GLN C 2 34.57 3.14 32.25
C GLN C 2 33.26 3.93 32.49
N TYR C 3 32.97 4.25 33.75
CA TYR C 3 31.74 4.99 34.09
C TYR C 3 31.80 6.43 33.61
N GLU C 4 30.88 6.78 32.74
CA GLU C 4 30.84 8.09 32.11
C GLU C 4 29.41 8.59 31.99
N ASP C 5 29.20 9.85 32.39
CA ASP C 5 27.93 10.53 32.18
C ASP C 5 27.54 10.48 30.70
N GLY C 6 26.37 9.92 30.43
CA GLY C 6 25.92 9.69 29.06
C GLY C 6 26.07 8.24 28.60
N LYS C 7 26.87 7.46 29.31
CA LYS C 7 27.06 6.04 28.95
C LYS C 7 26.15 5.09 29.75
N GLN C 8 26.49 4.82 31.00
CA GLN C 8 25.70 3.90 31.83
C GLN C 8 24.58 4.61 32.61
N TYR C 9 24.64 5.94 32.58
CA TYR C 9 23.71 6.78 33.32
C TYR C 9 23.71 8.18 32.71
N THR C 10 22.68 8.96 33.02
CA THR C 10 22.66 10.37 32.70
C THR C 10 22.44 11.19 33.97
N THR C 11 22.81 12.47 33.91
CA THR C 11 22.68 13.36 35.07
C THR C 11 21.50 14.30 34.83
N LEU C 12 20.60 14.39 35.81
CA LEU C 12 19.41 15.25 35.71
C LEU C 12 19.81 16.73 35.76
N GLU C 13 19.30 17.50 34.80
CA GLU C 13 19.52 18.95 34.75
C GLU C 13 18.94 19.58 36.01
N LYS C 14 17.77 19.11 36.43
CA LYS C 14 17.15 19.57 37.68
C LYS C 14 17.17 18.46 38.72
N PRO C 15 18.23 18.39 39.56
CA PRO C 15 18.32 17.37 40.61
C PRO C 15 17.21 17.52 41.65
N VAL C 16 16.85 16.42 42.30
CA VAL C 16 15.72 16.37 43.23
C VAL C 16 16.18 16.19 44.67
N ALA C 17 15.88 17.16 45.53
CA ALA C 17 16.25 17.09 46.94
C ALA C 17 15.27 16.22 47.72
N GLY C 18 15.80 15.41 48.63
CA GLY C 18 14.99 14.55 49.49
C GLY C 18 14.34 13.37 48.80
N ALA C 19 14.81 13.05 47.59
CA ALA C 19 14.33 11.90 46.84
C ALA C 19 14.78 10.59 47.50
N PRO C 20 14.04 9.49 47.28
CA PRO C 20 14.53 8.19 47.74
C PRO C 20 15.90 7.90 47.14
N GLN C 21 16.72 7.17 47.89
CA GLN C 21 18.10 6.88 47.50
C GLN C 21 18.17 6.15 46.17
N VAL C 22 17.36 5.10 46.05
CA VAL C 22 17.25 4.35 44.82
C VAL C 22 15.77 4.23 44.47
N LEU C 23 15.37 4.91 43.39
CA LEU C 23 13.96 5.01 43.04
C LEU C 23 13.69 4.40 41.69
N GLU C 24 12.84 3.38 41.67
CA GLU C 24 12.46 2.68 40.44
C GLU C 24 11.02 3.01 40.09
N PHE C 25 10.76 3.31 38.81
CA PHE C 25 9.39 3.48 38.33
C PHE C 25 9.02 2.34 37.38
N PHE C 26 7.77 1.90 37.48
CA PHE C 26 7.27 0.85 36.61
C PHE C 26 5.76 1.01 36.35
N SER C 27 5.27 0.21 35.42
CA SER C 27 3.83 0.04 35.20
C SER C 27 3.54 -1.43 34.97
N PHE C 28 2.49 -1.94 35.63
CA PHE C 28 2.00 -3.29 35.37
C PHE C 28 1.50 -3.53 33.93
N PHE C 29 1.18 -2.44 33.23
CA PHE C 29 0.68 -2.48 31.87
C PHE C 29 1.80 -2.54 30.80
N CYS C 30 3.03 -2.27 31.23
CA CYS C 30 4.17 -2.07 30.33
C CYS C 30 4.99 -3.34 30.11
N PRO C 31 5.04 -3.82 28.85
CA PRO C 31 5.75 -5.07 28.55
C PRO C 31 7.24 -5.00 28.89
N HIS C 32 7.84 -3.83 28.73
CA HIS C 32 9.25 -3.58 29.09
C HIS C 32 9.49 -3.74 30.60
N CYS C 33 8.49 -3.33 31.41
CA CYS C 33 8.58 -3.53 32.87
C CYS C 33 8.39 -5.00 33.28
N TYR C 34 7.55 -5.74 32.54
CA TYR C 34 7.41 -7.19 32.71
C TYR C 34 8.75 -7.85 32.47
N GLN C 35 9.43 -7.46 31.39
CA GLN C 35 10.79 -7.94 31.11
C GLN C 35 11.74 -7.67 32.29
N PHE C 36 11.75 -6.42 32.76
CA PHE C 36 12.63 -6.02 33.86
C PHE C 36 12.37 -6.79 35.14
N GLU C 37 11.10 -6.98 35.48
CA GLU C 37 10.75 -7.60 36.74
C GLU C 37 10.68 -9.13 36.68
N GLU C 38 9.96 -9.67 35.70
CA GLU C 38 9.63 -11.09 35.69
C GLU C 38 10.67 -11.95 34.98
N VAL C 39 11.42 -11.35 34.06
CA VAL C 39 12.42 -12.08 33.29
C VAL C 39 13.85 -11.75 33.78
N LEU C 40 14.19 -10.46 33.87
CA LEU C 40 15.52 -10.03 34.28
C LEU C 40 15.68 -9.94 35.80
N HIS C 41 14.58 -9.74 36.51
CA HIS C 41 14.59 -9.52 37.98
C HIS C 41 15.55 -8.40 38.41
N ILE C 42 15.47 -7.24 37.75
CA ILE C 42 16.36 -6.11 38.00
C ILE C 42 16.35 -5.63 39.46
N SER C 43 15.15 -5.36 40.01
CA SER C 43 15.02 -4.89 41.41
C SER C 43 15.79 -5.77 42.39
N ASP C 44 15.56 -7.08 42.34
CA ASP C 44 16.20 -8.05 43.24
C ASP C 44 17.72 -8.00 43.14
N ASN C 45 18.21 -7.99 41.90
CA ASN C 45 19.64 -7.98 41.63
C ASN C 45 20.34 -6.70 42.03
N VAL C 46 19.65 -5.57 41.83
CA VAL C 46 20.12 -4.27 42.34
C VAL C 46 20.20 -4.29 43.87
N LYS C 47 19.15 -4.79 44.53
CA LYS C 47 19.10 -4.85 45.99
C LYS C 47 20.27 -5.64 46.58
N LYS C 48 20.53 -6.81 45.99
CA LYS C 48 21.65 -7.68 46.39
C LYS C 48 22.99 -6.96 46.44
N LYS C 49 23.17 -5.95 45.57
CA LYS C 49 24.44 -5.23 45.48
C LYS C 49 24.48 -3.87 46.18
N LEU C 50 23.40 -3.51 46.85
CA LEU C 50 23.40 -2.26 47.59
C LEU C 50 23.97 -2.49 48.99
N PRO C 51 24.77 -1.51 49.48
CA PRO C 51 25.26 -1.56 50.86
C PRO C 51 24.13 -1.24 51.83
N GLU C 52 24.43 -1.23 53.13
CA GLU C 52 23.40 -0.86 54.11
C GLU C 52 23.33 0.64 54.38
N GLY C 53 22.16 1.05 54.85
CA GLY C 53 21.79 2.46 54.88
C GLY C 53 21.06 2.80 53.59
N VAL C 54 21.22 1.94 52.58
CA VAL C 54 20.65 2.15 51.26
C VAL C 54 19.39 1.32 51.02
N LYS C 55 18.25 2.00 50.99
CA LYS C 55 16.93 1.41 50.75
C LYS C 55 16.50 1.56 49.29
N MET C 56 15.63 0.66 48.85
CA MET C 56 15.09 0.70 47.49
C MET C 56 13.63 1.05 47.51
N THR C 57 13.25 2.00 46.66
CA THR C 57 11.84 2.41 46.55
C THR C 57 11.34 2.11 45.14
N LYS C 58 10.14 1.55 45.05
CA LYS C 58 9.52 1.28 43.75
C LYS C 58 8.11 1.87 43.68
N TYR C 59 7.88 2.72 42.68
CA TYR C 59 6.59 3.37 42.48
C TYR C 59 5.98 3.04 41.12
N HIS C 60 4.66 2.92 41.11
CA HIS C 60 3.90 2.67 39.91
C HIS C 60 3.55 3.99 39.21
N VAL C 61 3.46 3.97 37.89
CA VAL C 61 3.08 5.16 37.13
C VAL C 61 1.70 4.97 36.49
N ASN C 62 0.96 6.06 36.33
CA ASN C 62 -0.41 6.00 35.84
C ASN C 62 -0.58 6.35 34.36
N PHE C 63 0.49 6.78 33.71
CA PHE C 63 0.39 7.21 32.31
C PHE C 63 0.25 6.11 31.25
N MET C 64 0.40 4.85 31.65
CA MET C 64 0.06 3.73 30.77
C MET C 64 -1.26 3.10 31.24
N GLY C 65 -2.08 2.64 30.29
CA GLY C 65 -3.25 1.81 30.60
C GLY C 65 -4.54 2.50 31.01
N GLY C 66 -4.60 3.83 30.89
CA GLY C 66 -5.83 4.60 31.16
C GLY C 66 -6.36 4.50 32.57
N ASP C 67 -7.69 4.41 32.69
CA ASP C 67 -8.38 4.28 33.99
C ASP C 67 -7.87 3.11 34.84
N LEU C 68 -7.61 1.98 34.19
CA LEU C 68 -7.04 0.82 34.88
C LEU C 68 -5.61 1.13 35.34
N GLY C 69 -4.93 2.01 34.60
CA GLY C 69 -3.61 2.53 35.02
C GLY C 69 -3.68 3.23 36.36
N LYS C 70 -4.69 4.08 36.54
CA LYS C 70 -4.92 4.76 37.83
C LYS C 70 -5.25 3.78 38.95
N ASP C 71 -6.08 2.78 38.66
CA ASP C 71 -6.45 1.77 39.66
C ASP C 71 -5.24 0.94 40.08
N LEU C 72 -4.36 0.67 39.12
CA LEU C 72 -3.14 -0.08 39.41
C LEU C 72 -2.16 0.71 40.28
N THR C 73 -2.12 2.04 40.09
CA THR C 73 -1.28 2.90 40.93
C THR C 73 -1.83 2.90 42.37
N GLN C 74 -3.16 2.94 42.50
CA GLN C 74 -3.79 2.90 43.82
C GLN C 74 -3.60 1.52 44.46
N ALA C 75 -3.72 0.47 43.66
CA ALA C 75 -3.49 -0.90 44.15
C ALA C 75 -2.05 -1.10 44.62
N TRP C 76 -1.09 -0.49 43.92
CA TRP C 76 0.29 -0.55 44.34
C TRP C 76 0.50 0.19 45.66
N ALA C 77 -0.22 1.29 45.84
CA ALA C 77 -0.22 2.00 47.13
C ALA C 77 -0.76 1.10 48.25
N VAL C 78 -1.86 0.39 47.99
CA VAL C 78 -2.37 -0.63 48.93
C VAL C 78 -1.29 -1.68 49.24
N ALA C 79 -0.66 -2.23 48.19
CA ALA C 79 0.44 -3.18 48.37
C ALA C 79 1.55 -2.62 49.25
N MET C 80 1.94 -1.38 49.01
CA MET C 80 2.96 -0.73 49.84
C MET C 80 2.47 -0.53 51.27
N ALA C 81 1.22 -0.09 51.42
CA ALA C 81 0.65 0.16 52.76
C ALA C 81 0.56 -1.11 53.61
N LEU C 82 0.16 -2.21 52.99
CA LEU C 82 0.01 -3.50 53.67
C LEU C 82 1.30 -4.32 53.66
N GLY C 83 2.30 -3.85 52.91
CA GLY C 83 3.59 -4.51 52.82
C GLY C 83 3.52 -5.87 52.12
N VAL C 84 2.65 -5.96 51.11
CA VAL C 84 2.44 -7.22 50.41
C VAL C 84 2.99 -7.20 48.97
N GLU C 85 3.98 -6.37 48.71
CA GLU C 85 4.58 -6.22 47.37
C GLU C 85 4.99 -7.56 46.76
N ASP C 86 5.65 -8.38 47.58
CA ASP C 86 6.24 -9.65 47.13
C ASP C 86 5.20 -10.77 46.94
N LYS C 87 3.95 -10.51 47.29
CA LYS C 87 2.86 -11.48 47.12
C LYS C 87 1.99 -11.14 45.92
N VAL C 88 2.00 -9.86 45.51
CA VAL C 88 1.08 -9.44 44.47
C VAL C 88 1.76 -9.04 43.15
N THR C 89 3.08 -8.83 43.16
CA THR C 89 3.77 -8.35 41.95
C THR C 89 3.62 -9.34 40.79
N VAL C 90 3.91 -10.61 41.04
CA VAL C 90 3.83 -11.62 39.99
C VAL C 90 2.41 -11.80 39.46
N PRO C 91 1.43 -12.11 40.34
CA PRO C 91 0.07 -12.28 39.79
C PRO C 91 -0.52 -11.04 39.10
N LEU C 92 -0.13 -9.84 39.53
CA LEU C 92 -0.58 -8.62 38.86
C LEU C 92 0.04 -8.49 37.46
N PHE C 93 1.37 -8.65 37.35
CA PHE C 93 2.00 -8.68 36.03
C PHE C 93 1.40 -9.72 35.09
N GLU C 94 1.24 -10.94 35.60
CA GLU C 94 0.71 -12.06 34.82
C GLU C 94 -0.75 -11.84 34.45
N GLY C 95 -1.53 -11.32 35.40
CA GLY C 95 -2.95 -11.08 35.17
C GLY C 95 -3.20 -10.01 34.12
N VAL C 96 -2.38 -8.97 34.13
CA VAL C 96 -2.50 -7.87 33.17
C VAL C 96 -1.97 -8.30 31.80
N GLN C 97 -0.80 -8.93 31.78
CA GLN C 97 -0.03 -9.10 30.54
C GLN C 97 0.04 -10.51 29.96
N LYS C 98 0.07 -11.54 30.82
CA LYS C 98 0.13 -12.91 30.33
C LYS C 98 -1.26 -13.46 29.99
N THR C 99 -2.13 -13.53 30.99
CA THR C 99 -3.46 -14.10 30.84
C THR C 99 -4.50 -13.06 30.40
N GLN C 100 -4.19 -11.79 30.63
CA GLN C 100 -5.05 -10.65 30.31
C GLN C 100 -6.44 -10.76 30.98
N THR C 101 -6.42 -11.31 32.19
CA THR C 101 -7.64 -11.51 32.99
C THR C 101 -7.89 -10.34 33.94
N ILE C 102 -6.94 -9.41 34.02
CA ILE C 102 -7.15 -8.19 34.81
C ILE C 102 -7.54 -7.05 33.89
N ARG C 103 -8.81 -6.66 33.99
CA ARG C 103 -9.37 -5.62 33.13
C ARG C 103 -10.08 -4.52 33.94
N SER C 104 -10.30 -4.78 35.23
CA SER C 104 -11.06 -3.88 36.09
C SER C 104 -10.46 -3.79 37.51
N ALA C 105 -10.93 -2.82 38.29
CA ALA C 105 -10.54 -2.70 39.70
C ALA C 105 -10.94 -3.94 40.49
N SER C 106 -12.08 -4.53 40.14
CA SER C 106 -12.53 -5.78 40.77
C SER C 106 -11.55 -6.93 40.55
N ASP C 107 -10.94 -7.00 39.37
CA ASP C 107 -9.97 -8.06 39.03
C ASP C 107 -8.66 -7.90 39.78
N ILE C 108 -8.26 -6.65 40.01
CA ILE C 108 -7.08 -6.33 40.82
C ILE C 108 -7.34 -6.81 42.24
N ARG C 109 -8.49 -6.40 42.77
CA ARG C 109 -8.91 -6.78 44.11
C ARG C 109 -8.86 -8.30 44.31
N ASP C 110 -9.37 -9.03 43.30
CA ASP C 110 -9.37 -10.51 43.30
C ASP C 110 -7.97 -11.11 43.50
N VAL C 111 -6.96 -10.50 42.86
CA VAL C 111 -5.57 -10.91 43.03
C VAL C 111 -5.11 -10.75 44.48
N PHE C 112 -5.43 -9.64 45.12
CA PHE C 112 -5.08 -9.46 46.53
C PHE C 112 -5.78 -10.47 47.42
N ILE C 113 -7.06 -10.75 47.14
CA ILE C 113 -7.82 -11.70 47.95
C ILE C 113 -7.23 -13.09 47.83
N ASN C 114 -6.93 -13.49 46.59
CA ASN C 114 -6.30 -14.77 46.31
C ASN C 114 -4.85 -14.88 46.84
N ALA C 115 -4.25 -13.74 47.17
CA ALA C 115 -2.91 -13.72 47.77
C ALA C 115 -2.96 -13.69 49.31
N GLY C 116 -4.18 -13.68 49.86
CA GLY C 116 -4.37 -13.75 51.31
C GLY C 116 -4.93 -12.50 51.99
N ILE C 117 -5.08 -11.42 51.23
CA ILE C 117 -5.64 -10.17 51.76
C ILE C 117 -7.17 -10.21 51.67
N LYS C 118 -7.83 -10.36 52.81
CA LYS C 118 -9.30 -10.39 52.86
C LYS C 118 -9.87 -9.15 52.19
N GLY C 119 -10.97 -9.32 51.47
CA GLY C 119 -11.64 -8.23 50.73
C GLY C 119 -11.93 -7.00 51.57
N GLU C 120 -12.33 -7.21 52.83
CA GLU C 120 -12.61 -6.12 53.76
C GLU C 120 -11.34 -5.35 54.12
N GLU C 121 -10.25 -6.07 54.34
CA GLU C 121 -8.93 -5.46 54.59
C GLU C 121 -8.41 -4.66 53.38
N TYR C 122 -8.58 -5.24 52.19
CA TYR C 122 -8.20 -4.54 50.97
C TYR C 122 -9.02 -3.27 50.81
N ASP C 123 -10.32 -3.39 51.05
CA ASP C 123 -11.25 -2.28 50.87
C ASP C 123 -10.93 -1.12 51.82
N ALA C 124 -10.59 -1.45 53.06
CA ALA C 124 -10.19 -0.45 54.06
C ALA C 124 -8.92 0.30 53.65
N ALA C 125 -7.90 -0.46 53.23
CA ALA C 125 -6.67 0.12 52.68
C ALA C 125 -6.98 1.00 51.46
N TRP C 126 -7.70 0.46 50.48
CA TRP C 126 -8.11 1.19 49.28
C TRP C 126 -8.67 2.58 49.58
N ASN C 127 -9.51 2.66 50.60
CA ASN C 127 -10.17 3.93 50.94
C ASN C 127 -9.46 4.74 52.03
N SER C 128 -8.29 4.29 52.46
CA SER C 128 -7.57 4.93 53.56
C SER C 128 -6.87 6.22 53.14
N PHE C 129 -6.67 7.13 54.10
CA PHE C 129 -5.85 8.35 53.87
C PHE C 129 -4.40 8.00 53.55
N VAL C 130 -3.86 6.98 54.24
CA VAL C 130 -2.51 6.49 53.97
C VAL C 130 -2.31 6.16 52.47
N VAL C 131 -3.28 5.46 51.88
CA VAL C 131 -3.23 5.10 50.45
C VAL C 131 -3.39 6.34 49.56
N LYS C 132 -4.26 7.26 49.96
CA LYS C 132 -4.38 8.56 49.27
C LYS C 132 -3.04 9.27 49.21
N SER C 133 -2.35 9.30 50.36
CA SER C 133 -1.03 9.93 50.47
C SER C 133 -0.03 9.23 49.55
N LEU C 134 -0.07 7.91 49.54
CA LEU C 134 0.89 7.12 48.76
C LEU C 134 0.68 7.26 47.27
N VAL C 135 -0.57 7.43 46.85
CA VAL C 135 -0.87 7.70 45.43
C VAL C 135 -0.26 9.03 45.02
N ALA C 136 -0.50 10.08 45.82
CA ALA C 136 0.07 11.40 45.58
C ALA C 136 1.60 11.39 45.63
N GLN C 137 2.18 10.65 46.58
CA GLN C 137 3.64 10.50 46.70
C GLN C 137 4.25 9.94 45.40
N GLN C 138 3.64 8.90 44.86
CA GLN C 138 4.08 8.27 43.60
C GLN C 138 3.96 9.26 42.43
N GLU C 139 2.86 10.00 42.37
CA GLU C 139 2.66 10.99 41.31
C GLU C 139 3.67 12.14 41.39
N LYS C 140 3.91 12.61 42.62
CA LYS C 140 4.87 13.70 42.83
C LYS C 140 6.28 13.31 42.40
N ALA C 141 6.69 12.10 42.76
CA ALA C 141 8.05 11.64 42.45
C ALA C 141 8.28 11.59 40.94
N ALA C 142 7.29 11.05 40.22
CA ALA C 142 7.34 11.00 38.76
C ALA C 142 7.47 12.39 38.14
N ALA C 143 6.71 13.35 38.66
CA ALA C 143 6.73 14.71 38.14
C ALA C 143 8.06 15.40 38.44
N ASP C 144 8.59 15.17 39.64
CA ASP C 144 9.89 15.74 40.06
C ASP C 144 11.07 15.34 39.17
N VAL C 145 11.05 14.12 38.65
CA VAL C 145 12.11 13.66 37.75
C VAL C 145 11.76 13.80 36.28
N GLN C 146 10.63 14.47 35.99
CA GLN C 146 10.16 14.72 34.62
C GLN C 146 10.08 13.42 33.83
N LEU C 147 9.37 12.46 34.41
CA LEU C 147 9.35 11.09 33.90
C LEU C 147 8.52 10.99 32.61
N ARG C 148 9.16 10.49 31.55
CA ARG C 148 8.55 10.34 30.24
C ARG C 148 8.31 8.89 29.86
N GLY C 149 8.94 7.95 30.58
CA GLY C 149 8.81 6.52 30.27
C GLY C 149 9.22 5.56 31.36
N VAL C 150 8.83 4.30 31.22
CA VAL C 150 9.23 3.25 32.15
C VAL C 150 9.70 2.01 31.34
N PRO C 151 10.54 1.15 31.94
CA PRO C 151 11.07 1.22 33.30
C PRO C 151 12.12 2.33 33.39
N ALA C 152 12.34 2.82 34.60
CA ALA C 152 13.33 3.87 34.86
C ALA C 152 13.84 3.73 36.29
N MET C 153 15.10 4.11 36.50
CA MET C 153 15.65 4.11 37.85
C MET C 153 16.52 5.34 38.11
N PHE C 154 16.38 5.90 39.31
CA PHE C 154 17.08 7.13 39.69
C PHE C 154 17.84 6.91 40.99
N VAL C 155 19.05 7.46 41.05
CA VAL C 155 19.86 7.34 42.25
C VAL C 155 20.07 8.71 42.88
N ASN C 156 19.68 8.80 44.15
CA ASN C 156 19.85 10.02 44.95
C ASN C 156 19.27 11.28 44.32
N GLY C 157 18.24 11.11 43.49
CA GLY C 157 17.60 12.22 42.79
C GLY C 157 18.47 12.98 41.80
N LYS C 158 19.62 12.41 41.44
CA LYS C 158 20.60 13.10 40.60
C LYS C 158 20.88 12.36 39.30
N TYR C 159 20.84 11.03 39.36
CA TYR C 159 21.26 10.18 38.24
C TYR C 159 20.16 9.24 37.78
N GLN C 160 20.02 9.14 36.47
CA GLN C 160 19.06 8.25 35.83
C GLN C 160 19.84 7.15 35.12
N LEU C 161 19.47 5.90 35.39
CA LEU C 161 20.12 4.75 34.76
C LEU C 161 19.89 4.73 33.26
N ASN C 162 20.93 4.36 32.50
CA ASN C 162 20.83 4.27 31.05
C ASN C 162 21.14 2.86 30.52
N PRO C 163 20.14 1.96 30.53
CA PRO C 163 20.36 0.59 30.06
C PRO C 163 20.80 0.50 28.60
N GLN C 164 20.43 1.51 27.80
CA GLN C 164 20.86 1.60 26.40
C GLN C 164 22.37 1.51 26.21
N GLY C 165 23.12 1.98 27.19
CA GLY C 165 24.58 1.92 27.12
C GLY C 165 25.21 0.67 27.71
N MET C 166 24.41 -0.36 27.98
CA MET C 166 24.92 -1.62 28.55
C MET C 166 24.86 -2.79 27.57
N ASP C 167 25.60 -3.85 27.86
CA ASP C 167 25.70 -4.98 26.93
C ASP C 167 24.52 -5.96 27.12
N THR C 168 23.84 -6.30 26.02
CA THR C 168 22.60 -7.08 26.11
C THR C 168 22.66 -8.49 25.49
N SER C 169 23.83 -8.91 25.00
CA SER C 169 23.95 -10.26 24.44
C SER C 169 23.77 -11.36 25.51
N ASN C 170 24.15 -11.05 26.74
CA ASN C 170 24.03 -11.99 27.84
C ASN C 170 23.23 -11.35 28.98
N MET C 171 22.15 -11.99 29.38
CA MET C 171 21.25 -11.35 30.34
C MET C 171 21.86 -11.20 31.72
N ASP C 172 22.71 -12.14 32.13
CA ASP C 172 23.44 -12.05 33.39
C ASP C 172 24.44 -10.88 33.43
N VAL C 173 25.21 -10.74 32.34
CA VAL C 173 26.10 -9.60 32.12
C VAL C 173 25.30 -8.29 32.15
N PHE C 174 24.18 -8.24 31.45
CA PHE C 174 23.35 -7.02 31.47
C PHE C 174 22.90 -6.64 32.88
N VAL C 175 22.31 -7.62 33.58
CA VAL C 175 21.75 -7.39 34.91
C VAL C 175 22.82 -6.95 35.91
N GLN C 176 23.98 -7.59 35.87
CA GLN C 176 25.05 -7.20 36.78
C GLN C 176 25.73 -5.89 36.40
N GLN C 177 25.76 -5.55 35.11
CA GLN C 177 26.24 -4.23 34.70
C GLN C 177 25.32 -3.13 35.22
N TYR C 178 24.02 -3.40 35.15
CA TYR C 178 22.98 -2.51 35.65
C TYR C 178 23.10 -2.35 37.17
N ALA C 179 23.11 -3.47 37.90
CA ALA C 179 23.24 -3.47 39.36
C ALA C 179 24.52 -2.77 39.82
N ASP C 180 25.63 -3.07 39.14
CA ASP C 180 26.92 -2.41 39.41
C ASP C 180 26.90 -0.89 39.25
N THR C 181 26.20 -0.41 38.23
CA THR C 181 26.06 1.03 37.99
C THR C 181 25.29 1.69 39.13
N VAL C 182 24.20 1.05 39.59
CA VAL C 182 23.43 1.59 40.73
C VAL C 182 24.34 1.71 41.95
N LYS C 183 25.12 0.64 42.22
CA LYS C 183 26.05 0.62 43.35
C LYS C 183 27.08 1.77 43.25
N TYR C 184 27.71 1.88 42.09
CA TYR C 184 28.66 2.95 41.81
C TYR C 184 28.07 4.34 42.06
N LEU C 185 26.87 4.60 41.55
CA LEU C 185 26.23 5.90 41.72
C LEU C 185 25.86 6.20 43.17
N SER C 186 25.43 5.17 43.90
CA SER C 186 24.98 5.36 45.28
C SER C 186 26.14 5.44 46.30
N GLU C 187 27.33 5.05 45.86
CA GLU C 187 28.52 5.09 46.73
C GLU C 187 29.43 6.26 46.40
N GLN D 2 -13.72 38.36 -25.62
CA GLN D 2 -13.52 36.96 -25.11
C GLN D 2 -12.21 36.29 -25.57
N TYR D 3 -11.67 36.70 -26.73
CA TYR D 3 -10.34 36.23 -27.16
C TYR D 3 -9.22 36.87 -26.35
N GLU D 4 -8.74 36.15 -25.33
CA GLU D 4 -7.71 36.65 -24.44
C GLU D 4 -6.45 35.79 -24.49
N ASP D 5 -5.30 36.45 -24.53
CA ASP D 5 -4.03 35.75 -24.40
C ASP D 5 -4.04 34.99 -23.08
N GLY D 6 -3.75 33.69 -23.13
CA GLY D 6 -3.81 32.82 -21.96
C GLY D 6 -5.07 31.97 -21.91
N LYS D 7 -6.12 32.38 -22.61
CA LYS D 7 -7.40 31.66 -22.60
C LYS D 7 -7.49 30.62 -23.71
N GLN D 8 -7.86 31.07 -24.92
CA GLN D 8 -8.02 30.17 -26.07
C GLN D 8 -6.67 29.90 -26.76
N TYR D 9 -5.69 30.73 -26.44
CA TYR D 9 -4.35 30.64 -27.01
C TYR D 9 -3.32 31.21 -26.04
N THR D 10 -2.04 30.93 -26.32
CA THR D 10 -0.92 31.59 -25.62
C THR D 10 0.03 32.17 -26.65
N THR D 11 0.85 33.14 -26.23
CA THR D 11 1.83 33.75 -27.12
C THR D 11 3.23 33.22 -26.83
N LEU D 12 3.99 32.94 -27.88
CA LEU D 12 5.34 32.44 -27.74
C LEU D 12 6.30 33.55 -27.29
N GLU D 13 7.08 33.28 -26.26
CA GLU D 13 8.12 34.20 -25.81
C GLU D 13 9.12 34.42 -26.92
N LYS D 14 9.44 33.35 -27.65
CA LYS D 14 10.39 33.38 -28.74
C LYS D 14 9.71 33.05 -30.06
N PRO D 15 9.10 34.07 -30.71
CA PRO D 15 8.43 33.84 -32.00
C PRO D 15 9.36 33.27 -33.07
N VAL D 16 8.79 32.49 -33.98
CA VAL D 16 9.56 31.83 -35.03
C VAL D 16 9.38 32.56 -36.36
N ALA D 17 10.48 33.09 -36.89
CA ALA D 17 10.46 33.76 -38.18
C ALA D 17 10.30 32.75 -39.31
N GLY D 18 9.46 33.08 -40.29
CA GLY D 18 9.31 32.26 -41.49
C GLY D 18 8.59 30.94 -41.32
N ALA D 19 7.94 30.75 -40.16
CA ALA D 19 7.18 29.54 -39.86
C ALA D 19 5.94 29.41 -40.76
N PRO D 20 5.45 28.17 -40.96
CA PRO D 20 4.18 27.99 -41.67
C PRO D 20 3.05 28.76 -40.97
N GLN D 21 2.09 29.22 -41.77
CA GLN D 21 0.98 30.05 -41.28
C GLN D 21 0.16 29.33 -40.20
N VAL D 22 -0.20 28.08 -40.47
CA VAL D 22 -0.88 27.22 -39.50
C VAL D 22 -0.11 25.92 -39.40
N LEU D 23 0.47 25.66 -38.23
CA LEU D 23 1.33 24.49 -38.06
C LEU D 23 0.88 23.57 -36.95
N GLU D 24 0.55 22.34 -37.33
CA GLU D 24 0.06 21.33 -36.41
C GLU D 24 1.14 20.26 -36.20
N PHE D 25 1.35 19.87 -34.95
CA PHE D 25 2.21 18.73 -34.67
C PHE D 25 1.40 17.59 -34.11
N PHE D 26 1.77 16.36 -34.48
CA PHE D 26 1.12 15.17 -33.96
C PHE D 26 2.08 13.97 -33.91
N SER D 27 1.62 12.90 -33.28
CA SER D 27 2.28 11.59 -33.29
C SER D 27 1.21 10.51 -33.47
N PHE D 28 1.48 9.55 -34.35
CA PHE D 28 0.62 8.37 -34.50
C PHE D 28 0.51 7.50 -33.23
N PHE D 29 1.43 7.70 -32.28
CA PHE D 29 1.44 6.96 -31.00
C PHE D 29 0.58 7.59 -29.91
N CYS D 30 0.22 8.86 -30.10
CA CYS D 30 -0.45 9.64 -29.08
C CYS D 30 -1.98 9.47 -29.11
N PRO D 31 -2.53 8.91 -28.01
CA PRO D 31 -3.99 8.71 -27.92
C PRO D 31 -4.77 10.03 -28.03
N HIS D 32 -4.19 11.12 -27.52
CA HIS D 32 -4.80 12.44 -27.65
C HIS D 32 -4.81 12.93 -29.11
N CYS D 33 -3.76 12.59 -29.87
CA CYS D 33 -3.76 12.87 -31.32
C CYS D 33 -4.79 12.03 -32.09
N TYR D 34 -4.96 10.78 -31.69
CA TYR D 34 -6.01 9.92 -32.27
C TYR D 34 -7.39 10.55 -32.06
N GLN D 35 -7.66 11.00 -30.83
CA GLN D 35 -8.88 11.77 -30.52
C GLN D 35 -9.05 12.97 -31.45
N PHE D 36 -8.01 13.79 -31.55
CA PHE D 36 -8.03 14.99 -32.39
C PHE D 36 -8.32 14.71 -33.86
N GLU D 37 -7.78 13.60 -34.36
CA GLU D 37 -7.88 13.31 -35.78
C GLU D 37 -9.10 12.44 -36.13
N GLU D 38 -9.29 11.34 -35.40
CA GLU D 38 -10.32 10.37 -35.79
C GLU D 38 -11.73 10.68 -35.28
N VAL D 39 -11.83 11.34 -34.13
CA VAL D 39 -13.11 11.63 -33.47
C VAL D 39 -13.55 13.07 -33.70
N LEU D 40 -12.64 14.01 -33.46
CA LEU D 40 -12.93 15.43 -33.53
C LEU D 40 -12.72 16.02 -34.92
N HIS D 41 -11.83 15.41 -35.72
CA HIS D 41 -11.48 15.90 -37.05
C HIS D 41 -11.07 17.38 -37.05
N ILE D 42 -10.19 17.73 -36.11
CA ILE D 42 -9.72 19.10 -35.90
C ILE D 42 -9.14 19.73 -37.15
N SER D 43 -8.15 19.07 -37.77
CA SER D 43 -7.52 19.58 -39.01
C SER D 43 -8.54 19.98 -40.08
N ASP D 44 -9.47 19.08 -40.41
CA ASP D 44 -10.53 19.33 -41.41
C ASP D 44 -11.37 20.57 -41.13
N ASN D 45 -11.77 20.72 -39.87
CA ASN D 45 -12.63 21.83 -39.46
C ASN D 45 -11.91 23.17 -39.37
N VAL D 46 -10.64 23.12 -39.01
CA VAL D 46 -9.79 24.29 -39.06
C VAL D 46 -9.70 24.74 -40.52
N LYS D 47 -9.36 23.80 -41.42
CA LYS D 47 -9.24 24.09 -42.85
C LYS D 47 -10.49 24.79 -43.39
N LYS D 48 -11.66 24.26 -43.06
CA LYS D 48 -12.94 24.82 -43.52
C LYS D 48 -13.13 26.30 -43.16
N LYS D 49 -12.56 26.72 -42.03
CA LYS D 49 -12.70 28.09 -41.57
C LYS D 49 -11.55 29.03 -41.93
N LEU D 50 -10.49 28.49 -42.51
CA LEU D 50 -9.37 29.33 -42.92
C LEU D 50 -9.71 30.20 -44.13
N PRO D 51 -9.22 31.46 -44.14
CA PRO D 51 -9.29 32.28 -45.34
C PRO D 51 -8.61 31.60 -46.54
N GLU D 52 -9.20 31.76 -47.72
CA GLU D 52 -8.79 31.03 -48.94
C GLU D 52 -7.29 30.97 -49.22
N GLY D 53 -6.57 32.03 -48.85
CA GLY D 53 -5.12 32.12 -49.08
C GLY D 53 -4.25 31.67 -47.91
N VAL D 54 -4.76 30.74 -47.11
CA VAL D 54 -4.02 30.21 -45.96
C VAL D 54 -3.95 28.68 -46.01
N LYS D 55 -2.73 28.16 -45.98
CA LYS D 55 -2.46 26.72 -46.07
C LYS D 55 -2.14 26.12 -44.69
N MET D 56 -2.55 24.87 -44.50
CA MET D 56 -2.26 24.12 -43.28
C MET D 56 -1.07 23.20 -43.45
N THR D 57 -0.21 23.18 -42.44
CA THR D 57 0.95 22.30 -42.44
C THR D 57 0.85 21.37 -41.24
N LYS D 58 1.11 20.09 -41.46
CA LYS D 58 1.07 19.12 -40.39
C LYS D 58 2.33 18.27 -40.36
N TYR D 59 3.00 18.26 -39.21
CA TYR D 59 4.24 17.50 -39.03
C TYR D 59 4.14 16.42 -37.96
N HIS D 60 4.83 15.31 -38.20
CA HIS D 60 4.94 14.23 -37.20
C HIS D 60 6.12 14.50 -36.25
N VAL D 61 5.96 14.10 -34.99
CA VAL D 61 7.00 14.23 -33.97
C VAL D 61 7.45 12.84 -33.52
N ASN D 62 8.69 12.70 -33.08
CA ASN D 62 9.19 11.38 -32.69
C ASN D 62 9.65 11.22 -31.25
N PHE D 63 9.24 12.13 -30.37
CA PHE D 63 9.63 11.98 -28.96
C PHE D 63 8.91 10.82 -28.25
N MET D 64 7.87 10.28 -28.88
CA MET D 64 7.28 9.03 -28.42
C MET D 64 7.35 7.90 -29.45
N GLY D 65 7.48 6.67 -28.97
CA GLY D 65 7.47 5.49 -29.84
C GLY D 65 8.82 4.91 -30.24
N GLY D 66 9.90 5.57 -29.83
CA GLY D 66 11.26 5.08 -30.08
C GLY D 66 11.63 5.02 -31.55
N ASP D 67 12.24 3.91 -31.97
CA ASP D 67 12.70 3.71 -33.35
C ASP D 67 11.56 3.71 -34.38
N LEU D 68 10.42 3.15 -33.99
CA LEU D 68 9.24 3.13 -34.84
C LEU D 68 8.68 4.53 -34.98
N GLY D 69 8.80 5.33 -33.92
CA GLY D 69 8.46 6.76 -33.95
C GLY D 69 9.27 7.49 -35.00
N LYS D 70 10.56 7.14 -35.09
CA LYS D 70 11.46 7.68 -36.09
C LYS D 70 11.02 7.27 -37.49
N ASP D 71 10.63 6.01 -37.63
CA ASP D 71 10.18 5.47 -38.91
C ASP D 71 8.87 6.10 -39.37
N LEU D 72 8.00 6.37 -38.40
CA LEU D 72 6.72 7.04 -38.66
C LEU D 72 6.90 8.50 -39.12
N THR D 73 7.89 9.18 -38.55
CA THR D 73 8.24 10.53 -39.02
C THR D 73 8.72 10.48 -40.48
N GLN D 74 9.53 9.48 -40.79
CA GLN D 74 10.00 9.31 -42.17
C GLN D 74 8.86 8.92 -43.13
N ALA D 75 7.93 8.09 -42.65
CA ALA D 75 6.76 7.71 -43.46
C ALA D 75 5.86 8.91 -43.72
N TRP D 76 5.72 9.78 -42.73
CA TRP D 76 4.93 10.99 -42.89
C TRP D 76 5.55 11.93 -43.93
N ALA D 77 6.88 12.04 -43.93
CA ALA D 77 7.63 12.74 -44.97
C ALA D 77 7.27 12.20 -46.37
N VAL D 78 7.32 10.88 -46.51
CA VAL D 78 6.90 10.19 -47.73
C VAL D 78 5.47 10.60 -48.12
N ALA D 79 4.56 10.53 -47.14
CA ALA D 79 3.16 10.93 -47.34
C ALA D 79 3.06 12.36 -47.86
N MET D 80 3.82 13.27 -47.26
CA MET D 80 3.88 14.65 -47.71
C MET D 80 4.50 14.81 -49.11
N ALA D 81 5.59 14.09 -49.36
CA ALA D 81 6.29 14.14 -50.67
C ALA D 81 5.40 13.61 -51.80
N LEU D 82 4.64 12.55 -51.50
CA LEU D 82 3.74 11.96 -52.49
C LEU D 82 2.34 12.58 -52.48
N GLY D 83 2.01 13.35 -51.45
CA GLY D 83 0.71 14.02 -51.38
C GLY D 83 -0.42 13.05 -51.08
N VAL D 84 -0.14 12.03 -50.26
CA VAL D 84 -1.12 10.98 -49.96
C VAL D 84 -1.55 10.93 -48.48
N GLU D 85 -1.42 12.06 -47.79
CA GLU D 85 -1.78 12.17 -46.37
C GLU D 85 -3.19 11.66 -46.07
N ASP D 86 -4.14 12.01 -46.96
CA ASP D 86 -5.54 11.65 -46.80
C ASP D 86 -5.82 10.16 -47.01
N LYS D 87 -4.86 9.46 -47.61
CA LYS D 87 -4.98 8.03 -47.84
C LYS D 87 -4.43 7.18 -46.69
N VAL D 88 -3.44 7.71 -45.96
CA VAL D 88 -2.72 6.91 -44.98
C VAL D 88 -2.92 7.26 -43.50
N THR D 89 -3.47 8.44 -43.22
CA THR D 89 -3.66 8.90 -41.83
C THR D 89 -4.50 7.91 -41.02
N VAL D 90 -5.70 7.62 -41.52
CA VAL D 90 -6.59 6.68 -40.83
C VAL D 90 -5.95 5.31 -40.62
N PRO D 91 -5.52 4.61 -41.71
CA PRO D 91 -4.92 3.29 -41.46
C PRO D 91 -3.67 3.28 -40.58
N LEU D 92 -2.85 4.35 -40.63
CA LEU D 92 -1.69 4.45 -39.73
C LEU D 92 -2.12 4.63 -38.27
N PHE D 93 -3.05 5.55 -38.02
CA PHE D 93 -3.62 5.73 -36.68
C PHE D 93 -4.27 4.45 -36.14
N GLU D 94 -5.10 3.81 -36.96
CA GLU D 94 -5.78 2.58 -36.52
C GLU D 94 -4.79 1.44 -36.31
N GLY D 95 -3.81 1.33 -37.20
CA GLY D 95 -2.78 0.29 -37.11
C GLY D 95 -1.90 0.38 -35.87
N VAL D 96 -1.50 1.59 -35.50
CA VAL D 96 -0.68 1.79 -34.30
C VAL D 96 -1.51 1.61 -33.02
N GLN D 97 -2.70 2.21 -32.96
CA GLN D 97 -3.40 2.39 -31.69
C GLN D 97 -4.62 1.48 -31.47
N LYS D 98 -5.34 1.14 -32.54
CA LYS D 98 -6.56 0.36 -32.40
C LYS D 98 -6.25 -1.14 -32.48
N THR D 99 -5.72 -1.57 -33.63
CA THR D 99 -5.43 -2.99 -33.86
C THR D 99 -4.04 -3.38 -33.36
N GLN D 100 -3.17 -2.37 -33.20
CA GLN D 100 -1.77 -2.58 -32.79
C GLN D 100 -1.02 -3.53 -33.74
N THR D 101 -1.43 -3.54 -35.01
CA THR D 101 -0.79 -4.36 -36.05
C THR D 101 0.52 -3.75 -36.58
N ILE D 102 0.70 -2.44 -36.40
CA ILE D 102 1.92 -1.76 -36.88
C ILE D 102 3.03 -1.74 -35.82
N ARG D 103 4.08 -2.53 -36.07
CA ARG D 103 5.19 -2.68 -35.12
C ARG D 103 6.57 -2.47 -35.75
N SER D 104 6.62 -2.33 -37.07
CA SER D 104 7.89 -2.20 -37.79
C SER D 104 7.72 -1.31 -39.02
N ALA D 105 8.86 -0.97 -39.63
CA ALA D 105 8.87 -0.20 -40.87
C ALA D 105 8.11 -0.92 -41.99
N SER D 106 8.20 -2.25 -41.99
CA SER D 106 7.54 -3.10 -42.98
C SER D 106 6.01 -2.99 -42.92
N ASP D 107 5.48 -2.94 -41.69
CA ASP D 107 4.06 -2.73 -41.45
C ASP D 107 3.58 -1.37 -41.97
N ILE D 108 4.42 -0.35 -41.80
CA ILE D 108 4.13 0.99 -42.30
C ILE D 108 4.01 0.94 -43.83
N ARG D 109 4.99 0.30 -44.48
CA ARG D 109 5.01 0.16 -45.93
C ARG D 109 3.73 -0.50 -46.47
N ASP D 110 3.25 -1.52 -45.78
CA ASP D 110 2.02 -2.23 -46.15
C ASP D 110 0.82 -1.32 -46.27
N VAL D 111 0.70 -0.39 -45.31
CA VAL D 111 -0.40 0.56 -45.28
C VAL D 111 -0.42 1.43 -46.54
N PHE D 112 0.76 1.87 -46.97
CA PHE D 112 0.86 2.70 -48.17
C PHE D 112 0.44 1.93 -49.42
N ILE D 113 0.86 0.67 -49.49
CA ILE D 113 0.51 -0.21 -50.62
C ILE D 113 -1.00 -0.44 -50.68
N ASN D 114 -1.56 -0.88 -49.55
CA ASN D 114 -3.00 -1.08 -49.43
C ASN D 114 -3.81 0.19 -49.73
N ALA D 115 -3.16 1.35 -49.61
CA ALA D 115 -3.81 2.63 -49.87
C ALA D 115 -3.75 3.05 -51.33
N GLY D 116 -3.12 2.23 -52.17
CA GLY D 116 -3.10 2.45 -53.62
C GLY D 116 -1.85 3.16 -54.13
N ILE D 117 -0.89 3.36 -53.24
CA ILE D 117 0.39 3.98 -53.59
C ILE D 117 1.35 2.89 -54.07
N LYS D 118 1.87 3.06 -55.28
CA LYS D 118 2.77 2.08 -55.90
C LYS D 118 3.99 1.75 -55.04
N GLY D 119 4.43 0.50 -55.10
CA GLY D 119 5.56 0.02 -54.29
C GLY D 119 6.91 0.61 -54.64
N GLU D 120 7.14 0.88 -55.93
CA GLU D 120 8.37 1.50 -56.41
C GLU D 120 8.38 2.98 -56.07
N GLU D 121 7.19 3.57 -56.04
CA GLU D 121 6.97 4.95 -55.66
C GLU D 121 7.42 5.19 -54.20
N TYR D 122 6.99 4.31 -53.31
CA TYR D 122 7.26 4.41 -51.87
C TYR D 122 8.74 4.27 -51.53
N ASP D 123 9.40 3.31 -52.17
CA ASP D 123 10.81 3.04 -51.88
C ASP D 123 11.73 4.12 -52.45
N ALA D 124 11.40 4.63 -53.63
CA ALA D 124 12.08 5.79 -54.19
C ALA D 124 11.92 7.01 -53.30
N ALA D 125 10.70 7.23 -52.80
CA ALA D 125 10.41 8.35 -51.89
C ALA D 125 11.17 8.18 -50.57
N TRP D 126 11.02 7.00 -49.97
CA TRP D 126 11.66 6.68 -48.69
C TRP D 126 13.15 7.05 -48.66
N ASN D 127 13.88 6.66 -49.71
CA ASN D 127 15.33 6.85 -49.76
C ASN D 127 15.76 8.17 -50.42
N SER D 128 14.81 9.02 -50.78
CA SER D 128 15.10 10.26 -51.51
C SER D 128 15.66 11.38 -50.63
N PHE D 129 16.46 12.27 -51.24
CA PHE D 129 16.90 13.51 -50.60
C PHE D 129 15.72 14.41 -50.19
N VAL D 130 14.67 14.45 -51.02
CA VAL D 130 13.46 15.22 -50.67
C VAL D 130 12.89 14.77 -49.31
N VAL D 131 12.86 13.46 -49.08
CA VAL D 131 12.35 12.92 -47.81
C VAL D 131 13.32 13.18 -46.65
N LYS D 132 14.63 13.04 -46.92
CA LYS D 132 15.66 13.42 -45.93
C LYS D 132 15.46 14.87 -45.50
N SER D 133 15.22 15.74 -46.47
CA SER D 133 14.98 17.16 -46.19
C SER D 133 13.71 17.36 -45.38
N LEU D 134 12.68 16.60 -45.72
CA LEU D 134 11.38 16.74 -45.06
C LEU D 134 11.40 16.26 -43.62
N VAL D 135 12.14 15.19 -43.37
CA VAL D 135 12.39 14.72 -42.00
C VAL D 135 13.07 15.80 -41.17
N ALA D 136 14.17 16.36 -41.69
CA ALA D 136 14.87 17.45 -41.00
C ALA D 136 13.98 18.68 -40.79
N GLN D 137 13.20 19.02 -41.80
CA GLN D 137 12.21 20.11 -41.73
C GLN D 137 11.23 19.95 -40.55
N GLN D 138 10.68 18.75 -40.40
CA GLN D 138 9.78 18.44 -39.29
C GLN D 138 10.49 18.55 -37.94
N GLU D 139 11.73 18.07 -37.88
CA GLU D 139 12.52 18.14 -36.65
C GLU D 139 12.92 19.56 -36.28
N LYS D 140 13.30 20.37 -37.27
CA LYS D 140 13.62 21.77 -37.06
C LYS D 140 12.43 22.55 -36.52
N ALA D 141 11.26 22.34 -37.13
CA ALA D 141 10.04 23.06 -36.72
C ALA D 141 9.67 22.81 -35.25
N ALA D 142 9.70 21.55 -34.85
CA ALA D 142 9.45 21.16 -33.45
C ALA D 142 10.45 21.82 -32.50
N ALA D 143 11.73 21.82 -32.88
CA ALA D 143 12.76 22.49 -32.07
C ALA D 143 12.56 24.00 -32.01
N ASP D 144 12.16 24.59 -33.15
CA ASP D 144 11.97 26.03 -33.23
C ASP D 144 10.87 26.57 -32.31
N VAL D 145 9.83 25.76 -32.09
CA VAL D 145 8.73 26.17 -31.21
C VAL D 145 8.88 25.60 -29.79
N GLN D 146 10.01 24.94 -29.53
CA GLN D 146 10.32 24.33 -28.22
C GLN D 146 9.22 23.33 -27.80
N LEU D 147 8.86 22.45 -28.74
CA LEU D 147 7.75 21.55 -28.57
C LEU D 147 7.99 20.52 -27.46
N ARG D 148 7.06 20.49 -26.50
CA ARG D 148 7.16 19.61 -25.34
C ARG D 148 5.99 18.61 -25.26
N GLY D 149 5.01 18.79 -26.15
CA GLY D 149 3.84 17.91 -26.19
C GLY D 149 3.01 17.96 -27.46
N VAL D 150 2.24 16.90 -27.68
CA VAL D 150 1.24 16.84 -28.76
C VAL D 150 -0.12 16.37 -28.24
N PRO D 151 -1.21 16.74 -28.95
CA PRO D 151 -1.26 17.58 -30.14
C PRO D 151 -0.96 19.05 -29.84
N ALA D 152 -0.53 19.78 -30.85
CA ALA D 152 -0.22 21.18 -30.74
C ALA D 152 -0.48 21.88 -32.08
N MET D 153 -0.88 23.14 -31.99
CA MET D 153 -1.07 23.96 -33.19
C MET D 153 -0.57 25.39 -32.98
N PHE D 154 0.17 25.89 -33.96
CA PHE D 154 0.81 27.20 -33.90
C PHE D 154 0.36 28.06 -35.07
N VAL D 155 0.11 29.34 -34.82
CA VAL D 155 -0.29 30.26 -35.87
C VAL D 155 0.76 31.35 -36.05
N ASN D 156 1.26 31.46 -37.28
CA ASN D 156 2.24 32.48 -37.68
C ASN D 156 3.54 32.46 -36.87
N GLY D 157 3.86 31.31 -36.28
CA GLY D 157 5.03 31.16 -35.41
C GLY D 157 4.96 31.99 -34.13
N LYS D 158 3.77 32.53 -33.86
CA LYS D 158 3.59 33.53 -32.80
C LYS D 158 2.68 33.03 -31.68
N TYR D 159 1.63 32.30 -32.04
CA TYR D 159 0.59 31.88 -31.09
C TYR D 159 0.42 30.37 -31.06
N GLN D 160 0.21 29.84 -29.86
CA GLN D 160 -0.06 28.42 -29.65
C GLN D 160 -1.50 28.26 -29.16
N LEU D 161 -2.24 27.34 -29.79
CA LEU D 161 -3.61 27.05 -29.42
C LEU D 161 -3.67 26.50 -28.00
N ASN D 162 -4.68 26.91 -27.23
CA ASN D 162 -4.87 26.43 -25.87
C ASN D 162 -6.23 25.73 -25.71
N PRO D 163 -6.33 24.47 -26.14
CA PRO D 163 -7.61 23.74 -26.01
C PRO D 163 -8.14 23.62 -24.57
N GLN D 164 -7.24 23.76 -23.59
CA GLN D 164 -7.65 23.71 -22.18
C GLN D 164 -8.62 24.83 -21.83
N GLY D 165 -8.57 25.92 -22.56
CA GLY D 165 -9.45 27.06 -22.31
C GLY D 165 -10.73 27.08 -23.13
N MET D 166 -11.08 25.95 -23.74
CA MET D 166 -12.30 25.85 -24.56
C MET D 166 -13.32 24.93 -23.89
N ASP D 167 -14.56 24.99 -24.37
CA ASP D 167 -15.64 24.22 -23.73
C ASP D 167 -15.70 22.80 -24.31
N THR D 168 -15.72 21.79 -23.44
CA THR D 168 -15.63 20.37 -23.87
C THR D 168 -16.86 19.52 -23.61
N SER D 169 -17.95 20.13 -23.15
CA SER D 169 -19.19 19.38 -22.92
C SER D 169 -19.79 18.80 -24.21
N ASN D 170 -19.62 19.55 -25.30
CA ASN D 170 -20.15 19.17 -26.59
C ASN D 170 -19.02 19.20 -27.59
N MET D 171 -18.78 18.07 -28.23
CA MET D 171 -17.64 17.96 -29.12
C MET D 171 -17.71 18.86 -30.36
N ASP D 172 -18.91 19.10 -30.87
CA ASP D 172 -19.08 20.04 -31.99
C ASP D 172 -18.77 21.48 -31.59
N VAL D 173 -19.25 21.89 -30.41
CA VAL D 173 -18.93 23.20 -29.83
C VAL D 173 -17.42 23.34 -29.64
N PHE D 174 -16.79 22.32 -29.09
CA PHE D 174 -15.33 22.35 -28.90
C PHE D 174 -14.60 22.58 -30.23
N VAL D 175 -14.91 21.73 -31.20
CA VAL D 175 -14.23 21.74 -32.50
C VAL D 175 -14.39 23.12 -33.15
N GLN D 176 -15.58 23.69 -33.08
CA GLN D 176 -15.80 25.00 -33.71
C GLN D 176 -15.15 26.18 -32.96
N GLN D 177 -15.07 26.10 -31.64
CA GLN D 177 -14.34 27.11 -30.85
C GLN D 177 -12.86 27.08 -31.20
N TYR D 178 -12.34 25.87 -31.40
CA TYR D 178 -10.95 25.66 -31.79
C TYR D 178 -10.72 26.23 -33.19
N ALA D 179 -11.55 25.82 -34.14
CA ALA D 179 -11.42 26.28 -35.53
C ALA D 179 -11.53 27.80 -35.64
N ASP D 180 -12.44 28.41 -34.87
CA ASP D 180 -12.63 29.86 -34.83
C ASP D 180 -11.43 30.61 -34.24
N THR D 181 -10.79 30.02 -33.23
CA THR D 181 -9.59 30.61 -32.64
C THR D 181 -8.47 30.70 -33.67
N VAL D 182 -8.26 29.61 -34.40
CA VAL D 182 -7.22 29.57 -35.44
C VAL D 182 -7.47 30.67 -36.48
N LYS D 183 -8.73 30.82 -36.85
CA LYS D 183 -9.14 31.80 -37.84
C LYS D 183 -8.92 33.25 -37.35
N TYR D 184 -9.27 33.50 -36.09
CA TYR D 184 -9.04 34.79 -35.46
C TYR D 184 -7.55 35.13 -35.37
N LEU D 185 -6.73 34.15 -35.01
CA LEU D 185 -5.28 34.37 -34.95
C LEU D 185 -4.67 34.56 -36.34
N SER D 186 -5.20 33.84 -37.34
CA SER D 186 -4.71 33.95 -38.73
C SER D 186 -5.09 35.29 -39.35
N GLU D 187 -6.24 35.82 -38.96
CA GLU D 187 -6.77 37.05 -39.54
C GLU D 187 -6.30 38.28 -38.79
N PRO E 2 -1.58 -5.69 19.37
CA PRO E 2 -0.94 -5.58 20.68
C PRO E 2 -0.59 -4.14 21.07
N ILE E 3 -0.43 -3.94 22.37
CA ILE E 3 0.15 -2.74 22.95
C ILE E 3 1.64 -2.71 22.55
N PRO E 4 2.18 -1.51 22.24
CA PRO E 4 3.62 -1.49 21.96
C PRO E 4 4.47 -1.94 23.17
N PHE E 5 5.58 -2.59 22.88
CA PHE E 5 6.52 -3.05 23.90
C PHE E 5 7.06 -1.89 24.74
N LEU E 6 7.51 -0.84 24.07
CA LEU E 6 8.06 0.34 24.73
C LEU E 6 6.96 1.16 25.42
N GLN E 8 6.14 4.68 26.67
CA GLN E 8 6.41 6.11 26.66
C GLN E 8 5.13 6.92 26.85
N LYS E 9 5.31 8.17 27.33
CA LYS E 9 4.25 9.16 27.58
C LYS E 9 3.57 8.98 28.94
N PRO F 2 -1.25 -0.20 -20.30
CA PRO F 2 -1.24 0.59 -21.53
C PRO F 2 -0.37 1.84 -21.43
N ILE F 3 -0.15 2.47 -22.58
CA ILE F 3 0.51 3.77 -22.70
C ILE F 3 -0.43 4.83 -22.09
N PRO F 4 0.14 5.81 -21.35
CA PRO F 4 -0.67 6.94 -20.87
C PRO F 4 -1.34 7.71 -22.01
N PHE F 5 -2.47 8.33 -21.71
CA PHE F 5 -3.22 9.11 -22.70
C PHE F 5 -2.49 10.38 -23.16
N LEU F 6 -2.03 11.17 -22.19
CA LEU F 6 -1.35 12.45 -22.50
C LEU F 6 0.05 12.22 -23.08
N GLN F 8 3.48 13.87 -23.58
CA GLN F 8 4.49 14.87 -23.23
C GLN F 8 5.92 14.37 -23.40
N LYS F 9 6.89 15.22 -23.05
CA LYS F 9 8.33 14.89 -23.09
C LYS F 9 8.83 14.71 -24.53
#